data_1JS5
# 
_entry.id   1JS5 
# 
_audit_conform.dict_name       mmcif_pdbx.dic 
_audit_conform.dict_version    5.392 
_audit_conform.dict_location   http://mmcif.pdb.org/dictionaries/ascii/mmcif_pdbx.dic 
# 
loop_
_database_2.database_id 
_database_2.database_code 
_database_2.pdbx_database_accession 
_database_2.pdbx_DOI 
PDB   1JS5         pdb_00001js5 10.2210/pdb1js5/pdb 
RCSB  RCSB014125   ?            ?                   
WWPDB D_1000014125 ?            ?                   
# 
loop_
_pdbx_audit_revision_history.ordinal 
_pdbx_audit_revision_history.data_content_type 
_pdbx_audit_revision_history.major_revision 
_pdbx_audit_revision_history.minor_revision 
_pdbx_audit_revision_history.revision_date 
1 'Structure model' 1 0 2002-08-28 
2 'Structure model' 1 1 2008-04-27 
3 'Structure model' 1 2 2011-07-13 
4 'Structure model' 1 3 2022-02-23 
5 'Structure model' 1 4 2024-05-22 
# 
_pdbx_audit_revision_details.ordinal             1 
_pdbx_audit_revision_details.revision_ordinal    1 
_pdbx_audit_revision_details.data_content_type   'Structure model' 
_pdbx_audit_revision_details.provider            repository 
_pdbx_audit_revision_details.type                'Initial release' 
_pdbx_audit_revision_details.description         ? 
_pdbx_audit_revision_details.details             ? 
# 
loop_
_pdbx_audit_revision_group.ordinal 
_pdbx_audit_revision_group.revision_ordinal 
_pdbx_audit_revision_group.data_content_type 
_pdbx_audit_revision_group.group 
1 2 'Structure model' 'Version format compliance' 
2 3 'Structure model' 'Version format compliance' 
3 4 'Structure model' 'Data collection'           
4 4 'Structure model' 'Database references'       
5 4 'Structure model' 'Derived calculations'      
6 5 'Structure model' 'Data collection'           
# 
loop_
_pdbx_audit_revision_category.ordinal 
_pdbx_audit_revision_category.revision_ordinal 
_pdbx_audit_revision_category.data_content_type 
_pdbx_audit_revision_category.category 
1 4 'Structure model' database_2            
2 4 'Structure model' pdbx_nmr_software     
3 4 'Structure model' pdbx_struct_assembly  
4 4 'Structure model' pdbx_struct_oper_list 
5 5 'Structure model' chem_comp_atom        
6 5 'Structure model' chem_comp_bond        
# 
loop_
_pdbx_audit_revision_item.ordinal 
_pdbx_audit_revision_item.revision_ordinal 
_pdbx_audit_revision_item.data_content_type 
_pdbx_audit_revision_item.item 
1 4 'Structure model' '_database_2.pdbx_DOI'                
2 4 'Structure model' '_database_2.pdbx_database_accession' 
3 4 'Structure model' '_pdbx_nmr_software.name'             
# 
_pdbx_database_status.status_code                     REL 
_pdbx_database_status.entry_id                        1JS5 
_pdbx_database_status.recvd_initial_deposition_date   2001-08-16 
_pdbx_database_status.deposit_site                    RCSB 
_pdbx_database_status.process_site                    RCSB 
_pdbx_database_status.SG_entry                        . 
_pdbx_database_status.pdb_format_compatible           Y 
_pdbx_database_status.status_code_mr                  ? 
_pdbx_database_status.status_code_sf                  ? 
_pdbx_database_status.status_code_cs                  ? 
_pdbx_database_status.status_code_nmr_data            ? 
_pdbx_database_status.methods_development_category    ? 
# 
loop_
_pdbx_database_related.db_name 
_pdbx_database_related.db_id 
_pdbx_database_related.details 
_pdbx_database_related.content_type 
PDB 1QSK '1QSK contains a similar pentanucleotideDNA bulge with AAAAA in the bulge loop' unspecified 
PDB 1JRV '1JRV contains a similar pentanucleotideDNA bulge with AATAA in the bulge loop' unspecified 
PDB 1JRW '1JRW is the average SOLUTION STRUCTURE OF DAATAA DNA BULGE'                    unspecified 
PDB 1JS7 '1JS7 IS THE SOLUTION STRUCTURE (ensemble) OF DAAUAA DNA BULGE'                 unspecified 
# 
loop_
_audit_author.name 
_audit_author.pdbx_ordinal 
'Gollmick, F.A.' 1 
'Lorenz, M.'     2 
'Dornberger, U.' 3 
'von Langen, J.' 4 
'Diekmann, S.'   5 
'Fritzsche, H.'  6 
# 
_citation.id                        primary 
_citation.title                     'Solution structure of dAATAA and dAAUAA DNA bulges.' 
_citation.journal_abbrev            'Nucleic Acids Res.' 
_citation.journal_volume            30 
_citation.page_first                2669 
_citation.page_last                 2677 
_citation.year                      2002 
_citation.journal_id_ASTM           NARHAD 
_citation.country                   UK 
_citation.journal_id_ISSN           0305-1048 
_citation.journal_id_CSD            0389 
_citation.book_publisher            ? 
_citation.pdbx_database_id_PubMed   12060684 
_citation.pdbx_database_id_DOI      10.1093/nar/gkf375 
# 
loop_
_citation_author.citation_id 
_citation_author.name 
_citation_author.ordinal 
_citation_author.identifier_ORCID 
primary 'Gollmick, F.A.' 1 ? 
primary 'Lorenz, M.'     2 ? 
primary 'Dornberger, U.' 3 ? 
primary 'von Langen, J.' 4 ? 
primary 'Diekmann, S.'   5 ? 
primary 'Fritzsche, H.'  6 ? 
# 
loop_
_entity.id 
_entity.type 
_entity.src_method 
_entity.pdbx_description 
_entity.formula_weight 
_entity.pdbx_number_of_molecules 
_entity.pdbx_ec 
_entity.pdbx_mutation 
_entity.pdbx_fragment 
_entity.details 
1 polymer syn "5'-D(*GP*CP*AP*TP*CP*GP*AP*AP*UP*AP*AP*GP*CP*TP*AP*CP*G)-3'" 5206.386 1 ? ? ? ? 
2 polymer syn "5'-D(*CP*GP*TP*AP*GP*CP*CP*GP*AP*TP*GP*C)-3'"                3663.392 1 ? ? ? ? 
# 
loop_
_entity_poly.entity_id 
_entity_poly.type 
_entity_poly.nstd_linkage 
_entity_poly.nstd_monomer 
_entity_poly.pdbx_seq_one_letter_code 
_entity_poly.pdbx_seq_one_letter_code_can 
_entity_poly.pdbx_strand_id 
_entity_poly.pdbx_target_identifier 
1 polydeoxyribonucleotide no no '(DG)(DC)(DA)(DT)(DC)(DG)(DA)(DA)(DU)(DA)(DA)(DG)(DC)(DT)(DA)(DC)(DG)' GCATCGAAUAAGCTACG A ? 
2 polydeoxyribonucleotide no no '(DC)(DG)(DT)(DA)(DG)(DC)(DC)(DG)(DA)(DT)(DG)(DC)'                     CGTAGCCGATGC      B ? 
# 
loop_
_entity_poly_seq.entity_id 
_entity_poly_seq.num 
_entity_poly_seq.mon_id 
_entity_poly_seq.hetero 
1 1  DG n 
1 2  DC n 
1 3  DA n 
1 4  DT n 
1 5  DC n 
1 6  DG n 
1 7  DA n 
1 8  DA n 
1 9  DU n 
1 10 DA n 
1 11 DA n 
1 12 DG n 
1 13 DC n 
1 14 DT n 
1 15 DA n 
1 16 DC n 
1 17 DG n 
2 1  DC n 
2 2  DG n 
2 3  DT n 
2 4  DA n 
2 5  DG n 
2 6  DC n 
2 7  DC n 
2 8  DG n 
2 9  DA n 
2 10 DT n 
2 11 DG n 
2 12 DC n 
# 
loop_
_chem_comp.id 
_chem_comp.type 
_chem_comp.mon_nstd_flag 
_chem_comp.name 
_chem_comp.pdbx_synonyms 
_chem_comp.formula 
_chem_comp.formula_weight 
DA 'DNA linking' y "2'-DEOXYADENOSINE-5'-MONOPHOSPHATE" ? 'C10 H14 N5 O6 P' 331.222 
DC 'DNA linking' y "2'-DEOXYCYTIDINE-5'-MONOPHOSPHATE"  ? 'C9 H14 N3 O7 P'  307.197 
DG 'DNA linking' y "2'-DEOXYGUANOSINE-5'-MONOPHOSPHATE" ? 'C10 H14 N5 O7 P' 347.221 
DT 'DNA linking' y "THYMIDINE-5'-MONOPHOSPHATE"         ? 'C10 H15 N2 O8 P' 322.208 
DU 'DNA linking' y "2'-DEOXYURIDINE-5'-MONOPHOSPHATE"   ? 'C9 H13 N2 O8 P'  308.182 
# 
loop_
_pdbx_poly_seq_scheme.asym_id 
_pdbx_poly_seq_scheme.entity_id 
_pdbx_poly_seq_scheme.seq_id 
_pdbx_poly_seq_scheme.mon_id 
_pdbx_poly_seq_scheme.ndb_seq_num 
_pdbx_poly_seq_scheme.pdb_seq_num 
_pdbx_poly_seq_scheme.auth_seq_num 
_pdbx_poly_seq_scheme.pdb_mon_id 
_pdbx_poly_seq_scheme.auth_mon_id 
_pdbx_poly_seq_scheme.pdb_strand_id 
_pdbx_poly_seq_scheme.pdb_ins_code 
_pdbx_poly_seq_scheme.hetero 
A 1 1  DG 1  1  1  DG GUA A . n 
A 1 2  DC 2  2  2  DC CYT A . n 
A 1 3  DA 3  3  3  DA ADE A . n 
A 1 4  DT 4  4  4  DT THY A . n 
A 1 5  DC 5  5  5  DC CYT A . n 
A 1 6  DG 6  6  6  DG GUA A . n 
A 1 7  DA 7  7  7  DA ADE A . n 
A 1 8  DA 8  8  8  DA ADE A . n 
A 1 9  DU 9  9  9  DU URA A . n 
A 1 10 DA 10 10 10 DA ADE A . n 
A 1 11 DA 11 11 11 DA ADE A . n 
A 1 12 DG 12 12 12 DG GUA A . n 
A 1 13 DC 13 13 13 DC CYT A . n 
A 1 14 DT 14 14 14 DT THY A . n 
A 1 15 DA 15 15 15 DA ADE A . n 
A 1 16 DC 16 16 16 DC CYT A . n 
A 1 17 DG 17 17 17 DG GUA A . n 
B 2 1  DC 1  18 18 DC CYT B . n 
B 2 2  DG 2  19 19 DG GUA B . n 
B 2 3  DT 3  20 20 DT THY B . n 
B 2 4  DA 4  21 21 DA ADE B . n 
B 2 5  DG 5  22 22 DG GUA B . n 
B 2 6  DC 6  23 23 DC CYT B . n 
B 2 7  DC 7  24 24 DC CYT B . n 
B 2 8  DG 8  25 25 DG GUA B . n 
B 2 9  DA 9  26 26 DA ADE B . n 
B 2 10 DT 10 27 27 DT THY B . n 
B 2 11 DG 11 28 28 DG GUA B . n 
B 2 12 DC 12 29 29 DC CYT B . n 
# 
_cell.entry_id           1JS5 
_cell.length_a           ? 
_cell.length_b           ? 
_cell.length_c           ? 
_cell.angle_alpha        ? 
_cell.angle_beta         ? 
_cell.angle_gamma        ? 
_cell.Z_PDB              1 
_cell.pdbx_unique_axis   ? 
# 
_exptl.entry_id          1JS5 
_exptl.method            'SOLUTION NMR' 
_exptl.crystals_number   ? 
# 
_exptl_crystal.id                    1 
_exptl_crystal.density_meas          ? 
_exptl_crystal.density_Matthews      ? 
_exptl_crystal.density_percent_sol   ? 
_exptl_crystal.description           ? 
# 
_diffrn.id                     1 
_diffrn.ambient_temp           ? 
_diffrn.ambient_temp_details   ? 
_diffrn.crystal_id             1 
# 
_diffrn_radiation.diffrn_id                        1 
_diffrn_radiation.wavelength_id                    1 
_diffrn_radiation.pdbx_monochromatic_or_laue_m_l   M 
_diffrn_radiation.monochromator                    ? 
_diffrn_radiation.pdbx_diffrn_protocol             'SINGLE WAVELENGTH' 
_diffrn_radiation.pdbx_scattering_type             ? 
# 
_diffrn_radiation_wavelength.id           1 
_diffrn_radiation_wavelength.wavelength   . 
_diffrn_radiation_wavelength.wt           1.0 
# 
_struct.entry_id                  1JS5 
_struct.title                     'Solution Structure of dAAUAA DNA Bulge' 
_struct.pdbx_model_details        ? 
_struct.pdbx_CASP_flag            ? 
_struct.pdbx_model_type_details   'minimized average' 
# 
_struct_keywords.entry_id        1JS5 
_struct_keywords.pdbx_keywords   DNA 
_struct_keywords.text            'DNA bulge, five-nucleotide bulge loop, deoxyribonucleic acid, DNA' 
# 
loop_
_struct_asym.id 
_struct_asym.pdbx_blank_PDB_chainid_flag 
_struct_asym.pdbx_modified 
_struct_asym.entity_id 
_struct_asym.details 
A N N 1 ? 
B N N 2 ? 
# 
loop_
_struct_ref.id 
_struct_ref.entity_id 
_struct_ref.db_name 
_struct_ref.db_code 
_struct_ref.pdbx_db_accession 
_struct_ref.pdbx_db_isoform 
_struct_ref.pdbx_seq_one_letter_code 
_struct_ref.pdbx_align_begin 
1 1 PDB 1JS5 1JS5 ? ? ? 
2 2 PDB 1JS5 1JS5 ? ? ? 
# 
loop_
_struct_ref_seq.align_id 
_struct_ref_seq.ref_id 
_struct_ref_seq.pdbx_PDB_id_code 
_struct_ref_seq.pdbx_strand_id 
_struct_ref_seq.seq_align_beg 
_struct_ref_seq.pdbx_seq_align_beg_ins_code 
_struct_ref_seq.seq_align_end 
_struct_ref_seq.pdbx_seq_align_end_ins_code 
_struct_ref_seq.pdbx_db_accession 
_struct_ref_seq.db_align_beg 
_struct_ref_seq.pdbx_db_align_beg_ins_code 
_struct_ref_seq.db_align_end 
_struct_ref_seq.pdbx_db_align_end_ins_code 
_struct_ref_seq.pdbx_auth_seq_align_beg 
_struct_ref_seq.pdbx_auth_seq_align_end 
1 1 1JS5 A 1 ? 17 ? 1JS5 1  ? 17 ? 1  17 
2 2 1JS5 B 1 ? 12 ? 1JS5 18 ? 29 ? 18 29 
# 
_pdbx_struct_assembly.id                   1 
_pdbx_struct_assembly.details              author_defined_assembly 
_pdbx_struct_assembly.method_details       ? 
_pdbx_struct_assembly.oligomeric_details   dimeric 
_pdbx_struct_assembly.oligomeric_count     2 
# 
_pdbx_struct_assembly_gen.assembly_id       1 
_pdbx_struct_assembly_gen.oper_expression   1 
_pdbx_struct_assembly_gen.asym_id_list      A,B 
# 
_pdbx_struct_oper_list.id                   1 
_pdbx_struct_oper_list.type                 'identity operation' 
_pdbx_struct_oper_list.name                 1_555 
_pdbx_struct_oper_list.symmetry_operation   x,y,z 
_pdbx_struct_oper_list.matrix[1][1]         1.0000000000 
_pdbx_struct_oper_list.matrix[1][2]         0.0000000000 
_pdbx_struct_oper_list.matrix[1][3]         0.0000000000 
_pdbx_struct_oper_list.vector[1]            0.0000000000 
_pdbx_struct_oper_list.matrix[2][1]         0.0000000000 
_pdbx_struct_oper_list.matrix[2][2]         1.0000000000 
_pdbx_struct_oper_list.matrix[2][3]         0.0000000000 
_pdbx_struct_oper_list.vector[2]            0.0000000000 
_pdbx_struct_oper_list.matrix[3][1]         0.0000000000 
_pdbx_struct_oper_list.matrix[3][2]         0.0000000000 
_pdbx_struct_oper_list.matrix[3][3]         1.0000000000 
_pdbx_struct_oper_list.vector[3]            0.0000000000 
# 
_struct_biol.id   1 
# 
loop_
_struct_conn.id 
_struct_conn.conn_type_id 
_struct_conn.pdbx_leaving_atom_flag 
_struct_conn.pdbx_PDB_id 
_struct_conn.ptnr1_label_asym_id 
_struct_conn.ptnr1_label_comp_id 
_struct_conn.ptnr1_label_seq_id 
_struct_conn.ptnr1_label_atom_id 
_struct_conn.pdbx_ptnr1_label_alt_id 
_struct_conn.pdbx_ptnr1_PDB_ins_code 
_struct_conn.pdbx_ptnr1_standard_comp_id 
_struct_conn.ptnr1_symmetry 
_struct_conn.ptnr2_label_asym_id 
_struct_conn.ptnr2_label_comp_id 
_struct_conn.ptnr2_label_seq_id 
_struct_conn.ptnr2_label_atom_id 
_struct_conn.pdbx_ptnr2_label_alt_id 
_struct_conn.pdbx_ptnr2_PDB_ins_code 
_struct_conn.ptnr1_auth_asym_id 
_struct_conn.ptnr1_auth_comp_id 
_struct_conn.ptnr1_auth_seq_id 
_struct_conn.ptnr2_auth_asym_id 
_struct_conn.ptnr2_auth_comp_id 
_struct_conn.ptnr2_auth_seq_id 
_struct_conn.ptnr2_symmetry 
_struct_conn.pdbx_ptnr3_label_atom_id 
_struct_conn.pdbx_ptnr3_label_seq_id 
_struct_conn.pdbx_ptnr3_label_comp_id 
_struct_conn.pdbx_ptnr3_label_asym_id 
_struct_conn.pdbx_ptnr3_label_alt_id 
_struct_conn.pdbx_ptnr3_PDB_ins_code 
_struct_conn.details 
_struct_conn.pdbx_dist_value 
_struct_conn.pdbx_value_order 
_struct_conn.pdbx_role 
hydrog1  hydrog ? ? A DG 1  N1 ? ? ? 1_555 B DC 12 N3 ? ? A DG 1  B DC 29 1_555 ? ? ? ? ? ? WATSON-CRICK ? ? ? 
hydrog2  hydrog ? ? A DG 1  N2 ? ? ? 1_555 B DC 12 O2 ? ? A DG 1  B DC 29 1_555 ? ? ? ? ? ? WATSON-CRICK ? ? ? 
hydrog3  hydrog ? ? A DG 1  O6 ? ? ? 1_555 B DC 12 N4 ? ? A DG 1  B DC 29 1_555 ? ? ? ? ? ? WATSON-CRICK ? ? ? 
hydrog4  hydrog ? ? A DC 2  N3 ? ? ? 1_555 B DG 11 N1 ? ? A DC 2  B DG 28 1_555 ? ? ? ? ? ? WATSON-CRICK ? ? ? 
hydrog5  hydrog ? ? A DC 2  N4 ? ? ? 1_555 B DG 11 O6 ? ? A DC 2  B DG 28 1_555 ? ? ? ? ? ? WATSON-CRICK ? ? ? 
hydrog6  hydrog ? ? A DC 2  O2 ? ? ? 1_555 B DG 11 N2 ? ? A DC 2  B DG 28 1_555 ? ? ? ? ? ? WATSON-CRICK ? ? ? 
hydrog7  hydrog ? ? A DA 3  N1 ? ? ? 1_555 B DT 10 N3 ? ? A DA 3  B DT 27 1_555 ? ? ? ? ? ? WATSON-CRICK ? ? ? 
hydrog8  hydrog ? ? A DA 3  N6 ? ? ? 1_555 B DT 10 O4 ? ? A DA 3  B DT 27 1_555 ? ? ? ? ? ? WATSON-CRICK ? ? ? 
hydrog9  hydrog ? ? A DT 4  N3 ? ? ? 1_555 B DA 9  N1 ? ? A DT 4  B DA 26 1_555 ? ? ? ? ? ? WATSON-CRICK ? ? ? 
hydrog10 hydrog ? ? A DT 4  O4 ? ? ? 1_555 B DA 9  N6 ? ? A DT 4  B DA 26 1_555 ? ? ? ? ? ? WATSON-CRICK ? ? ? 
hydrog11 hydrog ? ? A DC 5  N3 ? ? ? 1_555 B DG 8  N1 ? ? A DC 5  B DG 25 1_555 ? ? ? ? ? ? WATSON-CRICK ? ? ? 
hydrog12 hydrog ? ? A DC 5  N4 ? ? ? 1_555 B DG 8  O6 ? ? A DC 5  B DG 25 1_555 ? ? ? ? ? ? WATSON-CRICK ? ? ? 
hydrog13 hydrog ? ? A DC 5  O2 ? ? ? 1_555 B DG 8  N2 ? ? A DC 5  B DG 25 1_555 ? ? ? ? ? ? WATSON-CRICK ? ? ? 
hydrog14 hydrog ? ? A DG 6  N1 ? ? ? 1_555 B DC 7  N3 ? ? A DG 6  B DC 24 1_555 ? ? ? ? ? ? WATSON-CRICK ? ? ? 
hydrog15 hydrog ? ? A DG 6  N2 ? ? ? 1_555 B DC 7  O2 ? ? A DG 6  B DC 24 1_555 ? ? ? ? ? ? WATSON-CRICK ? ? ? 
hydrog16 hydrog ? ? A DG 6  O6 ? ? ? 1_555 B DC 7  N4 ? ? A DG 6  B DC 24 1_555 ? ? ? ? ? ? WATSON-CRICK ? ? ? 
hydrog17 hydrog ? ? A DG 12 N1 ? ? ? 1_555 B DC 6  N3 ? ? A DG 12 B DC 23 1_555 ? ? ? ? ? ? WATSON-CRICK ? ? ? 
hydrog18 hydrog ? ? A DG 12 N2 ? ? ? 1_555 B DC 6  O2 ? ? A DG 12 B DC 23 1_555 ? ? ? ? ? ? WATSON-CRICK ? ? ? 
hydrog19 hydrog ? ? A DG 12 O6 ? ? ? 1_555 B DC 6  N4 ? ? A DG 12 B DC 23 1_555 ? ? ? ? ? ? WATSON-CRICK ? ? ? 
hydrog20 hydrog ? ? A DC 13 N3 ? ? ? 1_555 B DG 5  N1 ? ? A DC 13 B DG 22 1_555 ? ? ? ? ? ? WATSON-CRICK ? ? ? 
hydrog21 hydrog ? ? A DC 13 N4 ? ? ? 1_555 B DG 5  O6 ? ? A DC 13 B DG 22 1_555 ? ? ? ? ? ? WATSON-CRICK ? ? ? 
hydrog22 hydrog ? ? A DC 13 O2 ? ? ? 1_555 B DG 5  N2 ? ? A DC 13 B DG 22 1_555 ? ? ? ? ? ? WATSON-CRICK ? ? ? 
hydrog23 hydrog ? ? A DT 14 N3 ? ? ? 1_555 B DA 4  N1 ? ? A DT 14 B DA 21 1_555 ? ? ? ? ? ? WATSON-CRICK ? ? ? 
hydrog24 hydrog ? ? A DT 14 O4 ? ? ? 1_555 B DA 4  N6 ? ? A DT 14 B DA 21 1_555 ? ? ? ? ? ? WATSON-CRICK ? ? ? 
hydrog25 hydrog ? ? A DA 15 N1 ? ? ? 1_555 B DT 3  N3 ? ? A DA 15 B DT 20 1_555 ? ? ? ? ? ? WATSON-CRICK ? ? ? 
hydrog26 hydrog ? ? A DA 15 N6 ? ? ? 1_555 B DT 3  O4 ? ? A DA 15 B DT 20 1_555 ? ? ? ? ? ? WATSON-CRICK ? ? ? 
hydrog27 hydrog ? ? A DC 16 N3 ? ? ? 1_555 B DG 2  N1 ? ? A DC 16 B DG 19 1_555 ? ? ? ? ? ? WATSON-CRICK ? ? ? 
hydrog28 hydrog ? ? A DC 16 N4 ? ? ? 1_555 B DG 2  O6 ? ? A DC 16 B DG 19 1_555 ? ? ? ? ? ? WATSON-CRICK ? ? ? 
hydrog29 hydrog ? ? A DC 16 O2 ? ? ? 1_555 B DG 2  N2 ? ? A DC 16 B DG 19 1_555 ? ? ? ? ? ? WATSON-CRICK ? ? ? 
# 
_struct_conn_type.id          hydrog 
_struct_conn_type.criteria    ? 
_struct_conn_type.reference   ? 
# 
loop_
_pdbx_validate_rmsd_angle.id 
_pdbx_validate_rmsd_angle.PDB_model_num 
_pdbx_validate_rmsd_angle.auth_atom_id_1 
_pdbx_validate_rmsd_angle.auth_asym_id_1 
_pdbx_validate_rmsd_angle.auth_comp_id_1 
_pdbx_validate_rmsd_angle.auth_seq_id_1 
_pdbx_validate_rmsd_angle.PDB_ins_code_1 
_pdbx_validate_rmsd_angle.label_alt_id_1 
_pdbx_validate_rmsd_angle.auth_atom_id_2 
_pdbx_validate_rmsd_angle.auth_asym_id_2 
_pdbx_validate_rmsd_angle.auth_comp_id_2 
_pdbx_validate_rmsd_angle.auth_seq_id_2 
_pdbx_validate_rmsd_angle.PDB_ins_code_2 
_pdbx_validate_rmsd_angle.label_alt_id_2 
_pdbx_validate_rmsd_angle.auth_atom_id_3 
_pdbx_validate_rmsd_angle.auth_asym_id_3 
_pdbx_validate_rmsd_angle.auth_comp_id_3 
_pdbx_validate_rmsd_angle.auth_seq_id_3 
_pdbx_validate_rmsd_angle.PDB_ins_code_3 
_pdbx_validate_rmsd_angle.label_alt_id_3 
_pdbx_validate_rmsd_angle.angle_value 
_pdbx_validate_rmsd_angle.angle_target_value 
_pdbx_validate_rmsd_angle.angle_deviation 
_pdbx_validate_rmsd_angle.angle_standard_deviation 
_pdbx_validate_rmsd_angle.linker_flag 
1  1 "O4'" A DT 4  ? ? "C1'" A DT 4  ? ? N1    A DT 4  ? ? 110.24 108.30 1.94  0.30 N 
2  1 "O4'" A DC 5  ? ? "C1'" A DC 5  ? ? N1    A DC 5  ? ? 110.87 108.30 2.57  0.30 N 
3  1 "O4'" A DG 6  ? ? "C1'" A DG 6  ? ? N9    A DG 6  ? ? 111.41 108.30 3.11  0.30 N 
4  1 "C1'" A DA 7  ? ? "O4'" A DA 7  ? ? "C4'" A DA 7  ? ? 103.85 110.10 -6.25 1.00 N 
5  1 "O4'" A DA 7  ? ? "C1'" A DA 7  ? ? N9    A DA 7  ? ? 113.57 108.30 5.27  0.30 N 
6  1 "O4'" A DA 8  ? ? "C1'" A DA 8  ? ? N9    A DA 8  ? ? 110.68 108.30 2.38  0.30 N 
7  1 "O4'" A DU 9  ? ? "C1'" A DU 9  ? ? N1    A DU 9  ? ? 111.18 108.30 2.88  0.30 N 
8  1 "O4'" A DA 10 ? ? "C1'" A DA 10 ? ? N9    A DA 10 ? ? 113.32 108.30 5.02  0.30 N 
9  1 "O4'" A DA 11 ? ? "C1'" A DA 11 ? ? N9    A DA 11 ? ? 112.05 108.30 3.75  0.30 N 
10 1 "O4'" A DC 16 ? ? "C1'" A DC 16 ? ? N1    A DC 16 ? ? 110.91 108.30 2.61  0.30 N 
11 1 "O4'" A DG 17 ? ? "C1'" A DG 17 ? ? N9    A DG 17 ? ? 111.04 108.30 2.74  0.30 N 
12 1 "O4'" B DC 18 ? ? "C1'" B DC 18 ? ? N1    B DC 18 ? ? 113.82 108.30 5.52  0.30 N 
13 1 "O4'" B DA 21 ? ? "C1'" B DA 21 ? ? N9    B DA 21 ? ? 110.51 108.30 2.21  0.30 N 
14 1 "O4'" B DG 22 ? ? "C1'" B DG 22 ? ? N9    B DG 22 ? ? 111.81 108.30 3.51  0.30 N 
15 1 "O4'" B DC 23 ? ? "C1'" B DC 23 ? ? N1    B DC 23 ? ? 112.50 108.30 4.20  0.30 N 
16 1 "O4'" B DG 25 ? ? "C1'" B DG 25 ? ? N9    B DG 25 ? ? 110.55 108.30 2.25  0.30 N 
17 1 "O4'" B DT 27 ? ? "C1'" B DT 27 ? ? N1    B DT 27 ? ? 111.06 108.30 2.76  0.30 N 
18 1 "O4'" B DG 28 ? ? "C1'" B DG 28 ? ? N9    B DG 28 ? ? 112.05 108.30 3.75  0.30 N 
# 
loop_
_pdbx_validate_planes.id 
_pdbx_validate_planes.PDB_model_num 
_pdbx_validate_planes.auth_comp_id 
_pdbx_validate_planes.auth_asym_id 
_pdbx_validate_planes.auth_seq_id 
_pdbx_validate_planes.PDB_ins_code 
_pdbx_validate_planes.label_alt_id 
_pdbx_validate_planes.rmsd 
_pdbx_validate_planes.type 
1 1 DC A 2  ? ? 0.059 'SIDE CHAIN' 
2 1 DA A 3  ? ? 0.053 'SIDE CHAIN' 
3 1 DC A 13 ? ? 0.062 'SIDE CHAIN' 
4 1 DT A 14 ? ? 0.067 'SIDE CHAIN' 
5 1 DG B 19 ? ? 0.118 'SIDE CHAIN' 
6 1 DT B 20 ? ? 0.065 'SIDE CHAIN' 
7 1 DC B 24 ? ? 0.061 'SIDE CHAIN' 
8 1 DG B 25 ? ? 0.071 'SIDE CHAIN' 
# 
_pdbx_nmr_ensemble.entry_id                                      1JS5 
_pdbx_nmr_ensemble.conformers_calculated_total_number            ? 
_pdbx_nmr_ensemble.conformers_submitted_total_number             1 
_pdbx_nmr_ensemble.conformer_selection_criteria                  ? 
_pdbx_nmr_ensemble.average_constraints_per_residue               ? 
_pdbx_nmr_ensemble.average_constraint_violations_per_residue     ? 
_pdbx_nmr_ensemble.maximum_distance_constraint_violation         ? 
_pdbx_nmr_ensemble.average_distance_constraint_violation         ? 
_pdbx_nmr_ensemble.maximum_upper_distance_constraint_violation   ? 
_pdbx_nmr_ensemble.maximum_lower_distance_constraint_violation   ? 
_pdbx_nmr_ensemble.distance_constraint_violation_method          ? 
_pdbx_nmr_ensemble.maximum_torsion_angle_constraint_violation    ? 
_pdbx_nmr_ensemble.average_torsion_angle_constraint_violation    ? 
_pdbx_nmr_ensemble.torsion_angle_constraint_violation_method     ? 
# 
_pdbx_nmr_representative.entry_id             1JS5 
_pdbx_nmr_representative.conformer_id         ? 
_pdbx_nmr_representative.selection_criteria   'minimized average structure' 
# 
loop_
_pdbx_nmr_sample_details.solution_id 
_pdbx_nmr_sample_details.contents 
_pdbx_nmr_sample_details.solvent_system 
1 '3.8mm in duplex; 10mm phosphate buffer; 100 mm NaCl; 0.05mm EDTA, 100% D2O' '100% D2O' 
2 '3.8mm in duplex; 100 mm NaCl; 0.05mm EDTA, 100% D2O'                        '100% D2O' 
# 
loop_
_pdbx_nmr_exptl_sample_conditions.conditions_id 
_pdbx_nmr_exptl_sample_conditions.temperature 
_pdbx_nmr_exptl_sample_conditions.pressure 
_pdbx_nmr_exptl_sample_conditions.pH 
_pdbx_nmr_exptl_sample_conditions.ionic_strength 
_pdbx_nmr_exptl_sample_conditions.pressure_units 
_pdbx_nmr_exptl_sample_conditions.temperature_units 
1 300 ambient 7 '100mm Na+' ? K 
2 300 ambient 7 '100mm Na+' ? K 
# 
_pdbx_nmr_details.entry_id   1JS5 
_pdbx_nmr_details.text       
;THE FINAL AVERAGE STRUCTURE WAS OBTAINED BY COORDINATE AVERAGING OF THE FINAL ENSEMBLE OF STRUCTURES, FOLLOWED BY RESTRAINED ENERGY MINIMIZATION. This structure was determined using standard 2D homonuclear and heteronuclear techniques.
;
# 
_pdbx_nmr_refine.entry_id           1JS5 
_pdbx_nmr_refine.method             'matrix relaxation, torsion angle dynamics, energy minimization' 
_pdbx_nmr_refine.details            
;the structures are based on a total of 932 restraints, 671 are NOE-derived 
distance constraints, 235 dihedral angle restraints,26 distance restraints  
from hydrogen bonds.
;
_pdbx_nmr_refine.software_ordinal   1 
# 
loop_
_pdbx_nmr_software.name 
_pdbx_nmr_software.version 
_pdbx_nmr_software.classification 
_pdbx_nmr_software.authors 
_pdbx_nmr_software.ordinal 
NMRPipe   3   processing                    'Delaglio, F., et al.'                                  1 
MARDIGRAS 3.2 'iterative matrix relaxation' 'Borgias, B.A:, James, T.L.'                            2 
DYANA     1.5 'structure solution'          'Guentert, P., Mumenthaler, C., Wuetrich, K.'           3 
Amber     5.0 refinement                    'Weiner, S.j., Kollman, P.A., Nguyen, D.T., Case, D.A.' 4 
Amber     5.0 'data analysis'               'Weiner, S.j., Kollman, P.A., Nguyen, D.T., Case, D.A.' 5 
# 
loop_
_chem_comp_atom.comp_id 
_chem_comp_atom.atom_id 
_chem_comp_atom.type_symbol 
_chem_comp_atom.pdbx_aromatic_flag 
_chem_comp_atom.pdbx_stereo_config 
_chem_comp_atom.pdbx_ordinal 
DA OP3    O N N 1   
DA P      P N N 2   
DA OP1    O N N 3   
DA OP2    O N N 4   
DA "O5'"  O N N 5   
DA "C5'"  C N N 6   
DA "C4'"  C N R 7   
DA "O4'"  O N N 8   
DA "C3'"  C N S 9   
DA "O3'"  O N N 10  
DA "C2'"  C N N 11  
DA "C1'"  C N R 12  
DA N9     N Y N 13  
DA C8     C Y N 14  
DA N7     N Y N 15  
DA C5     C Y N 16  
DA C6     C Y N 17  
DA N6     N N N 18  
DA N1     N Y N 19  
DA C2     C Y N 20  
DA N3     N Y N 21  
DA C4     C Y N 22  
DA HOP3   H N N 23  
DA HOP2   H N N 24  
DA "H5'"  H N N 25  
DA "H5''" H N N 26  
DA "H4'"  H N N 27  
DA "H3'"  H N N 28  
DA "HO3'" H N N 29  
DA "H2'"  H N N 30  
DA "H2''" H N N 31  
DA "H1'"  H N N 32  
DA H8     H N N 33  
DA H61    H N N 34  
DA H62    H N N 35  
DA H2     H N N 36  
DC OP3    O N N 37  
DC P      P N N 38  
DC OP1    O N N 39  
DC OP2    O N N 40  
DC "O5'"  O N N 41  
DC "C5'"  C N N 42  
DC "C4'"  C N R 43  
DC "O4'"  O N N 44  
DC "C3'"  C N S 45  
DC "O3'"  O N N 46  
DC "C2'"  C N N 47  
DC "C1'"  C N R 48  
DC N1     N N N 49  
DC C2     C N N 50  
DC O2     O N N 51  
DC N3     N N N 52  
DC C4     C N N 53  
DC N4     N N N 54  
DC C5     C N N 55  
DC C6     C N N 56  
DC HOP3   H N N 57  
DC HOP2   H N N 58  
DC "H5'"  H N N 59  
DC "H5''" H N N 60  
DC "H4'"  H N N 61  
DC "H3'"  H N N 62  
DC "HO3'" H N N 63  
DC "H2'"  H N N 64  
DC "H2''" H N N 65  
DC "H1'"  H N N 66  
DC H41    H N N 67  
DC H42    H N N 68  
DC H5     H N N 69  
DC H6     H N N 70  
DG OP3    O N N 71  
DG P      P N N 72  
DG OP1    O N N 73  
DG OP2    O N N 74  
DG "O5'"  O N N 75  
DG "C5'"  C N N 76  
DG "C4'"  C N R 77  
DG "O4'"  O N N 78  
DG "C3'"  C N S 79  
DG "O3'"  O N N 80  
DG "C2'"  C N N 81  
DG "C1'"  C N R 82  
DG N9     N Y N 83  
DG C8     C Y N 84  
DG N7     N Y N 85  
DG C5     C Y N 86  
DG C6     C N N 87  
DG O6     O N N 88  
DG N1     N N N 89  
DG C2     C N N 90  
DG N2     N N N 91  
DG N3     N N N 92  
DG C4     C Y N 93  
DG HOP3   H N N 94  
DG HOP2   H N N 95  
DG "H5'"  H N N 96  
DG "H5''" H N N 97  
DG "H4'"  H N N 98  
DG "H3'"  H N N 99  
DG "HO3'" H N N 100 
DG "H2'"  H N N 101 
DG "H2''" H N N 102 
DG "H1'"  H N N 103 
DG H8     H N N 104 
DG H1     H N N 105 
DG H21    H N N 106 
DG H22    H N N 107 
DT OP3    O N N 108 
DT P      P N N 109 
DT OP1    O N N 110 
DT OP2    O N N 111 
DT "O5'"  O N N 112 
DT "C5'"  C N N 113 
DT "C4'"  C N R 114 
DT "O4'"  O N N 115 
DT "C3'"  C N S 116 
DT "O3'"  O N N 117 
DT "C2'"  C N N 118 
DT "C1'"  C N R 119 
DT N1     N N N 120 
DT C2     C N N 121 
DT O2     O N N 122 
DT N3     N N N 123 
DT C4     C N N 124 
DT O4     O N N 125 
DT C5     C N N 126 
DT C7     C N N 127 
DT C6     C N N 128 
DT HOP3   H N N 129 
DT HOP2   H N N 130 
DT "H5'"  H N N 131 
DT "H5''" H N N 132 
DT "H4'"  H N N 133 
DT "H3'"  H N N 134 
DT "HO3'" H N N 135 
DT "H2'"  H N N 136 
DT "H2''" H N N 137 
DT "H1'"  H N N 138 
DT H3     H N N 139 
DT H71    H N N 140 
DT H72    H N N 141 
DT H73    H N N 142 
DT H6     H N N 143 
DU OP3    O N N 144 
DU P      P N N 145 
DU OP1    O N N 146 
DU OP2    O N N 147 
DU "O5'"  O N N 148 
DU "C5'"  C N N 149 
DU "C4'"  C N R 150 
DU "O4'"  O N N 151 
DU "C3'"  C N S 152 
DU "O3'"  O N N 153 
DU "C2'"  C N N 154 
DU "C1'"  C N R 155 
DU N1     N N N 156 
DU C2     C N N 157 
DU O2     O N N 158 
DU N3     N N N 159 
DU C4     C N N 160 
DU O4     O N N 161 
DU C5     C N N 162 
DU C6     C N N 163 
DU HOP3   H N N 164 
DU HOP2   H N N 165 
DU "H5'"  H N N 166 
DU "H5''" H N N 167 
DU "H4'"  H N N 168 
DU "H3'"  H N N 169 
DU "HO3'" H N N 170 
DU "H2'"  H N N 171 
DU "H2''" H N N 172 
DU "H1'"  H N N 173 
DU H3     H N N 174 
DU H5     H N N 175 
DU H6     H N N 176 
# 
loop_
_chem_comp_bond.comp_id 
_chem_comp_bond.atom_id_1 
_chem_comp_bond.atom_id_2 
_chem_comp_bond.value_order 
_chem_comp_bond.pdbx_aromatic_flag 
_chem_comp_bond.pdbx_stereo_config 
_chem_comp_bond.pdbx_ordinal 
DA OP3   P      sing N N 1   
DA OP3   HOP3   sing N N 2   
DA P     OP1    doub N N 3   
DA P     OP2    sing N N 4   
DA P     "O5'"  sing N N 5   
DA OP2   HOP2   sing N N 6   
DA "O5'" "C5'"  sing N N 7   
DA "C5'" "C4'"  sing N N 8   
DA "C5'" "H5'"  sing N N 9   
DA "C5'" "H5''" sing N N 10  
DA "C4'" "O4'"  sing N N 11  
DA "C4'" "C3'"  sing N N 12  
DA "C4'" "H4'"  sing N N 13  
DA "O4'" "C1'"  sing N N 14  
DA "C3'" "O3'"  sing N N 15  
DA "C3'" "C2'"  sing N N 16  
DA "C3'" "H3'"  sing N N 17  
DA "O3'" "HO3'" sing N N 18  
DA "C2'" "C1'"  sing N N 19  
DA "C2'" "H2'"  sing N N 20  
DA "C2'" "H2''" sing N N 21  
DA "C1'" N9     sing N N 22  
DA "C1'" "H1'"  sing N N 23  
DA N9    C8     sing Y N 24  
DA N9    C4     sing Y N 25  
DA C8    N7     doub Y N 26  
DA C8    H8     sing N N 27  
DA N7    C5     sing Y N 28  
DA C5    C6     sing Y N 29  
DA C5    C4     doub Y N 30  
DA C6    N6     sing N N 31  
DA C6    N1     doub Y N 32  
DA N6    H61    sing N N 33  
DA N6    H62    sing N N 34  
DA N1    C2     sing Y N 35  
DA C2    N3     doub Y N 36  
DA C2    H2     sing N N 37  
DA N3    C4     sing Y N 38  
DC OP3   P      sing N N 39  
DC OP3   HOP3   sing N N 40  
DC P     OP1    doub N N 41  
DC P     OP2    sing N N 42  
DC P     "O5'"  sing N N 43  
DC OP2   HOP2   sing N N 44  
DC "O5'" "C5'"  sing N N 45  
DC "C5'" "C4'"  sing N N 46  
DC "C5'" "H5'"  sing N N 47  
DC "C5'" "H5''" sing N N 48  
DC "C4'" "O4'"  sing N N 49  
DC "C4'" "C3'"  sing N N 50  
DC "C4'" "H4'"  sing N N 51  
DC "O4'" "C1'"  sing N N 52  
DC "C3'" "O3'"  sing N N 53  
DC "C3'" "C2'"  sing N N 54  
DC "C3'" "H3'"  sing N N 55  
DC "O3'" "HO3'" sing N N 56  
DC "C2'" "C1'"  sing N N 57  
DC "C2'" "H2'"  sing N N 58  
DC "C2'" "H2''" sing N N 59  
DC "C1'" N1     sing N N 60  
DC "C1'" "H1'"  sing N N 61  
DC N1    C2     sing N N 62  
DC N1    C6     sing N N 63  
DC C2    O2     doub N N 64  
DC C2    N3     sing N N 65  
DC N3    C4     doub N N 66  
DC C4    N4     sing N N 67  
DC C4    C5     sing N N 68  
DC N4    H41    sing N N 69  
DC N4    H42    sing N N 70  
DC C5    C6     doub N N 71  
DC C5    H5     sing N N 72  
DC C6    H6     sing N N 73  
DG OP3   P      sing N N 74  
DG OP3   HOP3   sing N N 75  
DG P     OP1    doub N N 76  
DG P     OP2    sing N N 77  
DG P     "O5'"  sing N N 78  
DG OP2   HOP2   sing N N 79  
DG "O5'" "C5'"  sing N N 80  
DG "C5'" "C4'"  sing N N 81  
DG "C5'" "H5'"  sing N N 82  
DG "C5'" "H5''" sing N N 83  
DG "C4'" "O4'"  sing N N 84  
DG "C4'" "C3'"  sing N N 85  
DG "C4'" "H4'"  sing N N 86  
DG "O4'" "C1'"  sing N N 87  
DG "C3'" "O3'"  sing N N 88  
DG "C3'" "C2'"  sing N N 89  
DG "C3'" "H3'"  sing N N 90  
DG "O3'" "HO3'" sing N N 91  
DG "C2'" "C1'"  sing N N 92  
DG "C2'" "H2'"  sing N N 93  
DG "C2'" "H2''" sing N N 94  
DG "C1'" N9     sing N N 95  
DG "C1'" "H1'"  sing N N 96  
DG N9    C8     sing Y N 97  
DG N9    C4     sing Y N 98  
DG C8    N7     doub Y N 99  
DG C8    H8     sing N N 100 
DG N7    C5     sing Y N 101 
DG C5    C6     sing N N 102 
DG C5    C4     doub Y N 103 
DG C6    O6     doub N N 104 
DG C6    N1     sing N N 105 
DG N1    C2     sing N N 106 
DG N1    H1     sing N N 107 
DG C2    N2     sing N N 108 
DG C2    N3     doub N N 109 
DG N2    H21    sing N N 110 
DG N2    H22    sing N N 111 
DG N3    C4     sing N N 112 
DT OP3   P      sing N N 113 
DT OP3   HOP3   sing N N 114 
DT P     OP1    doub N N 115 
DT P     OP2    sing N N 116 
DT P     "O5'"  sing N N 117 
DT OP2   HOP2   sing N N 118 
DT "O5'" "C5'"  sing N N 119 
DT "C5'" "C4'"  sing N N 120 
DT "C5'" "H5'"  sing N N 121 
DT "C5'" "H5''" sing N N 122 
DT "C4'" "O4'"  sing N N 123 
DT "C4'" "C3'"  sing N N 124 
DT "C4'" "H4'"  sing N N 125 
DT "O4'" "C1'"  sing N N 126 
DT "C3'" "O3'"  sing N N 127 
DT "C3'" "C2'"  sing N N 128 
DT "C3'" "H3'"  sing N N 129 
DT "O3'" "HO3'" sing N N 130 
DT "C2'" "C1'"  sing N N 131 
DT "C2'" "H2'"  sing N N 132 
DT "C2'" "H2''" sing N N 133 
DT "C1'" N1     sing N N 134 
DT "C1'" "H1'"  sing N N 135 
DT N1    C2     sing N N 136 
DT N1    C6     sing N N 137 
DT C2    O2     doub N N 138 
DT C2    N3     sing N N 139 
DT N3    C4     sing N N 140 
DT N3    H3     sing N N 141 
DT C4    O4     doub N N 142 
DT C4    C5     sing N N 143 
DT C5    C7     sing N N 144 
DT C5    C6     doub N N 145 
DT C7    H71    sing N N 146 
DT C7    H72    sing N N 147 
DT C7    H73    sing N N 148 
DT C6    H6     sing N N 149 
DU OP3   P      sing N N 150 
DU OP3   HOP3   sing N N 151 
DU P     OP1    doub N N 152 
DU P     OP2    sing N N 153 
DU P     "O5'"  sing N N 154 
DU OP2   HOP2   sing N N 155 
DU "O5'" "C5'"  sing N N 156 
DU "C5'" "C4'"  sing N N 157 
DU "C5'" "H5'"  sing N N 158 
DU "C5'" "H5''" sing N N 159 
DU "C4'" "O4'"  sing N N 160 
DU "C4'" "C3'"  sing N N 161 
DU "C4'" "H4'"  sing N N 162 
DU "O4'" "C1'"  sing N N 163 
DU "C3'" "O3'"  sing N N 164 
DU "C3'" "C2'"  sing N N 165 
DU "C3'" "H3'"  sing N N 166 
DU "O3'" "HO3'" sing N N 167 
DU "C2'" "C1'"  sing N N 168 
DU "C2'" "H2'"  sing N N 169 
DU "C2'" "H2''" sing N N 170 
DU "C1'" N1     sing N N 171 
DU "C1'" "H1'"  sing N N 172 
DU N1    C2     sing N N 173 
DU N1    C6     sing N N 174 
DU C2    O2     doub N N 175 
DU C2    N3     sing N N 176 
DU N3    C4     sing N N 177 
DU N3    H3     sing N N 178 
DU C4    O4     doub N N 179 
DU C4    C5     sing N N 180 
DU C5    C6     doub N N 181 
DU C5    H5     sing N N 182 
DU C6    H6     sing N N 183 
# 
loop_
_ndb_struct_conf_na.entry_id 
_ndb_struct_conf_na.feature 
1JS5 'double helix'        
1JS5 'b-form double helix' 
1JS5 'bulge loop'          
# 
loop_
_ndb_struct_na_base_pair.model_number 
_ndb_struct_na_base_pair.i_label_asym_id 
_ndb_struct_na_base_pair.i_label_comp_id 
_ndb_struct_na_base_pair.i_label_seq_id 
_ndb_struct_na_base_pair.i_symmetry 
_ndb_struct_na_base_pair.j_label_asym_id 
_ndb_struct_na_base_pair.j_label_comp_id 
_ndb_struct_na_base_pair.j_label_seq_id 
_ndb_struct_na_base_pair.j_symmetry 
_ndb_struct_na_base_pair.shear 
_ndb_struct_na_base_pair.stretch 
_ndb_struct_na_base_pair.stagger 
_ndb_struct_na_base_pair.buckle 
_ndb_struct_na_base_pair.propeller 
_ndb_struct_na_base_pair.opening 
_ndb_struct_na_base_pair.pair_number 
_ndb_struct_na_base_pair.pair_name 
_ndb_struct_na_base_pair.i_auth_asym_id 
_ndb_struct_na_base_pair.i_auth_seq_id 
_ndb_struct_na_base_pair.i_PDB_ins_code 
_ndb_struct_na_base_pair.j_auth_asym_id 
_ndb_struct_na_base_pair.j_auth_seq_id 
_ndb_struct_na_base_pair.j_PDB_ins_code 
_ndb_struct_na_base_pair.hbond_type_28 
_ndb_struct_na_base_pair.hbond_type_12 
1 A DG 1  1_555 B DC 12 1_555 -0.747 -0.187 -0.002 -16.440 -3.105  -2.572 1  A_DG1:DC29_B  A 1  ? B 29 ? 19 1 
1 A DC 2  1_555 B DG 11 1_555 -0.169 -0.089 0.649  -1.389  -5.140  -2.656 2  A_DC2:DG28_B  A 2  ? B 28 ? 19 1 
1 A DA 3  1_555 B DT 10 1_555 -0.231 -0.057 0.033  3.589   -18.727 -4.316 3  A_DA3:DT27_B  A 3  ? B 27 ? 20 1 
1 A DT 4  1_555 B DA 9  1_555 0.190  -0.067 0.043  -3.344  -22.868 -7.066 4  A_DT4:DA26_B  A 4  ? B 26 ? 20 1 
1 A DC 5  1_555 B DG 8  1_555 0.739  -0.284 0.324  -7.940  -17.453 -2.898 5  A_DC5:DG25_B  A 5  ? B 25 ? 19 1 
1 A DG 6  1_555 B DC 7  1_555 0.266  -0.043 0.217  -7.963  -13.955 -6.135 6  A_DG6:DC24_B  A 6  ? B 24 ? 19 1 
1 A DG 12 1_555 B DC 6  1_555 -1.030 -0.332 0.516  9.195   3.701   -2.350 7  A_DG12:DC23_B A 12 ? B 23 ? 19 1 
1 A DC 13 1_555 B DG 5  1_555 -0.288 -0.118 0.632  7.797   -11.986 -5.106 8  A_DC13:DG22_B A 13 ? B 22 ? 19 1 
1 A DT 14 1_555 B DA 4  1_555 -0.078 -0.049 0.059  14.355  -21.382 -7.718 9  A_DT14:DA21_B A 14 ? B 21 ? 20 1 
1 A DA 15 1_555 B DT 3  1_555 -0.256 -0.092 0.305  7.897   -19.130 -7.141 10 A_DA15:DT20_B A 15 ? B 20 ? 20 1 
1 A DC 16 1_555 B DG 2  1_555 0.427  -0.109 0.250  -1.255  -14.034 -3.004 11 A_DC16:DG19_B A 16 ? B 19 ? 19 1 
# 
loop_
_ndb_struct_na_base_pair_step.model_number 
_ndb_struct_na_base_pair_step.i_label_asym_id_1 
_ndb_struct_na_base_pair_step.i_label_comp_id_1 
_ndb_struct_na_base_pair_step.i_label_seq_id_1 
_ndb_struct_na_base_pair_step.i_symmetry_1 
_ndb_struct_na_base_pair_step.j_label_asym_id_1 
_ndb_struct_na_base_pair_step.j_label_comp_id_1 
_ndb_struct_na_base_pair_step.j_label_seq_id_1 
_ndb_struct_na_base_pair_step.j_symmetry_1 
_ndb_struct_na_base_pair_step.i_label_asym_id_2 
_ndb_struct_na_base_pair_step.i_label_comp_id_2 
_ndb_struct_na_base_pair_step.i_label_seq_id_2 
_ndb_struct_na_base_pair_step.i_symmetry_2 
_ndb_struct_na_base_pair_step.j_label_asym_id_2 
_ndb_struct_na_base_pair_step.j_label_comp_id_2 
_ndb_struct_na_base_pair_step.j_label_seq_id_2 
_ndb_struct_na_base_pair_step.j_symmetry_2 
_ndb_struct_na_base_pair_step.shift 
_ndb_struct_na_base_pair_step.slide 
_ndb_struct_na_base_pair_step.rise 
_ndb_struct_na_base_pair_step.tilt 
_ndb_struct_na_base_pair_step.roll 
_ndb_struct_na_base_pair_step.twist 
_ndb_struct_na_base_pair_step.x_displacement 
_ndb_struct_na_base_pair_step.y_displacement 
_ndb_struct_na_base_pair_step.helical_rise 
_ndb_struct_na_base_pair_step.inclination 
_ndb_struct_na_base_pair_step.tip 
_ndb_struct_na_base_pair_step.helical_twist 
_ndb_struct_na_base_pair_step.step_number 
_ndb_struct_na_base_pair_step.step_name 
_ndb_struct_na_base_pair_step.i_auth_asym_id_1 
_ndb_struct_na_base_pair_step.i_auth_seq_id_1 
_ndb_struct_na_base_pair_step.i_PDB_ins_code_1 
_ndb_struct_na_base_pair_step.j_auth_asym_id_1 
_ndb_struct_na_base_pair_step.j_auth_seq_id_1 
_ndb_struct_na_base_pair_step.j_PDB_ins_code_1 
_ndb_struct_na_base_pair_step.i_auth_asym_id_2 
_ndb_struct_na_base_pair_step.i_auth_seq_id_2 
_ndb_struct_na_base_pair_step.i_PDB_ins_code_2 
_ndb_struct_na_base_pair_step.j_auth_asym_id_2 
_ndb_struct_na_base_pair_step.j_auth_seq_id_2 
_ndb_struct_na_base_pair_step.j_PDB_ins_code_2 
1 A DG 1  1_555 B DC 12 1_555 A DC 2  1_555 B DG 11 1_555 -0.105 -0.373 2.915 -5.948 0.526  32.587 -0.734 -0.712 2.882 0.928  
10.490 33.115 1 AA_DG1DC2:DG28DC29_BB   A 1  ? B 29 ? A 2  ? B 28 ? 
1 A DC 2  1_555 B DG 11 1_555 A DA 3  1_555 B DT 10 1_555 -0.598 -0.651 2.875 3.219  8.629  30.491 -2.519 1.588  2.526 15.956 
-5.953 31.820 2 AA_DC2DA3:DT27DG28_BB   A 2  ? B 28 ? A 3  ? B 27 ? 
1 A DA 3  1_555 B DT 10 1_555 A DT 4  1_555 B DA 9  1_555 -0.432 -0.879 3.244 -1.084 3.539  34.860 -1.981 0.559  3.154 5.887  
1.803  35.050 3 AA_DA3DT4:DA26DT27_BB   A 3  ? B 27 ? A 4  ? B 26 ? 
1 A DT 4  1_555 B DA 9  1_555 A DC 5  1_555 B DG 8  1_555 0.622  -0.334 3.191 0.204  5.194  37.156 -1.178 -0.941 3.121 8.102  
-0.319 37.505 4 AA_DT4DC5:DG25DA26_BB   A 4  ? B 26 ? A 5  ? B 25 ? 
1 A DC 5  1_555 B DG 8  1_555 A DG 6  1_555 B DC 7  1_555 0.168  -0.716 2.969 3.213  11.278 28.114 -3.333 0.240  2.507 22.041 
-6.280 30.416 5 AA_DC5DG6:DC24DG25_BB   A 5  ? B 25 ? A 6  ? B 24 ? 
1 A DG 12 1_555 B DC 6  1_555 A DC 13 1_555 B DG 5  1_555 -0.931 -1.005 3.329 -3.504 0.543  34.245 -1.785 1.012  3.389 0.919  
5.931  34.422 6 AA_DG12DC13:DG22DC23_BB A 12 ? B 23 ? A 13 ? B 22 ? 
1 A DC 13 1_555 B DG 5  1_555 A DT 14 1_555 B DA 4  1_555 -0.779 -0.523 3.013 1.906  2.338  32.753 -1.287 1.671  2.921 4.135  
-3.371 32.887 7 AA_DC13DT14:DA21DG22_BB A 13 ? B 22 ? A 14 ? B 21 ? 
1 A DT 14 1_555 B DA 4  1_555 A DA 15 1_555 B DT 3  1_555 -0.350 0.077  3.324 -1.819 12.174 33.905 -1.652 0.300  3.178 20.073 
3.000  36.008 8 AA_DT14DA15:DT20DA21_BB A 14 ? B 21 ? A 15 ? B 20 ? 
1 A DA 15 1_555 B DT 3  1_555 A DC 16 1_555 B DG 2  1_555 0.219  -0.236 3.414 0.823  2.694  37.972 -0.718 -0.227 3.394 4.133  
-1.263 38.073 9 AA_DA15DC16:DG19DT20_BB A 15 ? B 20 ? A 16 ? B 19 ? 
# 
loop_
_pdbx_nmr_spectrometer.spectrometer_id 
_pdbx_nmr_spectrometer.type 
_pdbx_nmr_spectrometer.manufacturer 
_pdbx_nmr_spectrometer.model 
_pdbx_nmr_spectrometer.field_strength 
1 ? Varian INOVA 500 
2 ? Varian INOVA 600 
3 ? Varian INOVA 750 
# 
_atom_sites.entry_id                    1JS5 
_atom_sites.fract_transf_matrix[1][1]   1.000000 
_atom_sites.fract_transf_matrix[1][2]   0.000000 
_atom_sites.fract_transf_matrix[1][3]   0.000000 
_atom_sites.fract_transf_matrix[2][1]   0.000000 
_atom_sites.fract_transf_matrix[2][2]   1.000000 
_atom_sites.fract_transf_matrix[2][3]   0.000000 
_atom_sites.fract_transf_matrix[3][1]   0.000000 
_atom_sites.fract_transf_matrix[3][2]   0.000000 
_atom_sites.fract_transf_matrix[3][3]   1.000000 
_atom_sites.fract_transf_vector[1]      0.00000 
_atom_sites.fract_transf_vector[2]      0.00000 
_atom_sites.fract_transf_vector[3]      0.00000 
# 
loop_
_atom_type.symbol 
C 
H 
N 
O 
P 
# 
loop_
_atom_site.group_PDB 
_atom_site.id 
_atom_site.type_symbol 
_atom_site.label_atom_id 
_atom_site.label_alt_id 
_atom_site.label_comp_id 
_atom_site.label_asym_id 
_atom_site.label_entity_id 
_atom_site.label_seq_id 
_atom_site.pdbx_PDB_ins_code 
_atom_site.Cartn_x 
_atom_site.Cartn_y 
_atom_site.Cartn_z 
_atom_site.occupancy 
_atom_site.B_iso_or_equiv 
_atom_site.pdbx_formal_charge 
_atom_site.auth_seq_id 
_atom_site.auth_comp_id 
_atom_site.auth_asym_id 
_atom_site.auth_atom_id 
_atom_site.pdbx_PDB_model_num 
ATOM 1   O "O5'"  . DG A 1 1  ? -6.692  -8.169  -14.436 1.00 0.00 ? 1  DG A "O5'"  1 
ATOM 2   C "C5'"  . DG A 1 1  ? -6.458  -7.941  -13.062 1.00 0.00 ? 1  DG A "C5'"  1 
ATOM 3   C "C4'"  . DG A 1 1  ? -5.341  -8.863  -12.563 1.00 0.00 ? 1  DG A "C4'"  1 
ATOM 4   O "O4'"  . DG A 1 1  ? -4.129  -8.545  -13.233 1.00 0.00 ? 1  DG A "O4'"  1 
ATOM 5   C "C3'"  . DG A 1 1  ? -5.095  -8.668  -11.064 1.00 0.00 ? 1  DG A "C3'"  1 
ATOM 6   O "O3'"  . DG A 1 1  ? -4.655  -9.898  -10.513 1.00 0.00 ? 1  DG A "O3'"  1 
ATOM 7   C "C2'"  . DG A 1 1  ? -4.018  -7.587  -11.073 1.00 0.00 ? 1  DG A "C2'"  1 
ATOM 8   C "C1'"  . DG A 1 1  ? -3.219  -7.940  -12.329 1.00 0.00 ? 1  DG A "C1'"  1 
ATOM 9   N N9     . DG A 1 1  ? -2.613  -6.746  -12.970 1.00 0.00 ? 1  DG A N9     1 
ATOM 10  C C8     . DG A 1 1  ? -3.234  -5.581  -13.347 1.00 0.00 ? 1  DG A C8     1 
ATOM 11  N N7     . DG A 1 1  ? -2.466  -4.742  -13.979 1.00 0.00 ? 1  DG A N7     1 
ATOM 12  C C5     . DG A 1 1  ? -1.243  -5.394  -14.043 1.00 0.00 ? 1  DG A C5     1 
ATOM 13  C C6     . DG A 1 1  ? -0.024  -4.984  -14.663 1.00 0.00 ? 1  DG A C6     1 
ATOM 14  O O6     . DG A 1 1  ? 0.192   -3.945  -15.281 1.00 0.00 ? 1  DG A O6     1 
ATOM 15  N N1     . DG A 1 1  ? 0.989   -5.929  -14.523 1.00 0.00 ? 1  DG A N1     1 
ATOM 16  C C2     . DG A 1 1  ? 0.839   -7.140  -13.874 1.00 0.00 ? 1  DG A C2     1 
ATOM 17  N N2     . DG A 1 1  ? 1.915   -7.930  -13.811 1.00 0.00 ? 1  DG A N2     1 
ATOM 18  N N3     . DG A 1 1  ? -0.314  -7.537  -13.305 1.00 0.00 ? 1  DG A N3     1 
ATOM 19  C C4     . DG A 1 1  ? -1.317  -6.623  -13.426 1.00 0.00 ? 1  DG A C4     1 
ATOM 20  H "H5'"  . DG A 1 1  ? -7.379  -8.154  -12.516 1.00 0.00 ? 1  DG A "H5'"  1 
ATOM 21  H "H5''" . DG A 1 1  ? -6.190  -6.896  -12.913 1.00 0.00 ? 1  DG A "H5''" 1 
ATOM 22  H "H4'"  . DG A 1 1  ? -5.624  -9.895  -12.771 1.00 0.00 ? 1  DG A "H4'"  1 
ATOM 23  H "H3'"  . DG A 1 1  ? -5.998  -8.333  -10.552 1.00 0.00 ? 1  DG A "H3'"  1 
ATOM 24  H "H2'"  . DG A 1 1  ? -4.504  -6.617  -11.174 1.00 0.00 ? 1  DG A "H2'"  1 
ATOM 25  H "H2''" . DG A 1 1  ? -3.401  -7.589  -10.177 1.00 0.00 ? 1  DG A "H2''" 1 
ATOM 26  H "H1'"  . DG A 1 1  ? -2.458  -8.674  -12.068 1.00 0.00 ? 1  DG A "H1'"  1 
ATOM 27  H H8     . DG A 1 1  ? -4.275  -5.373  -13.155 1.00 0.00 ? 1  DG A H8     1 
ATOM 28  H H1     . DG A 1 1  ? 1.877   -5.702  -14.956 1.00 0.00 ? 1  DG A H1     1 
ATOM 29  H H21    . DG A 1 1  ? 2.782   -7.643  -14.247 1.00 0.00 ? 1  DG A H21    1 
ATOM 30  H H22    . DG A 1 1  ? 1.862   -8.810  -13.319 1.00 0.00 ? 1  DG A H22    1 
ATOM 31  H "HO5'" . DG A 1 1  ? -7.397  -7.587  -14.726 1.00 0.00 ? 1  DG A "HO5'" 1 
ATOM 32  P P      . DC A 1 2  ? -4.337  -10.079 -8.940  1.00 0.00 ? 2  DC A P      1 
ATOM 33  O OP1    . DC A 1 2  ? -4.612  -11.486 -8.573  1.00 0.00 ? 2  DC A OP1    1 
ATOM 34  O OP2    . DC A 1 2  ? -4.993  -8.981  -8.195  1.00 0.00 ? 2  DC A OP2    1 
ATOM 35  O "O5'"  . DC A 1 2  ? -2.744  -9.844  -8.891  1.00 0.00 ? 2  DC A "O5'"  1 
ATOM 36  C "C5'"  . DC A 1 2  ? -1.851  -10.805 -9.422  1.00 0.00 ? 2  DC A "C5'"  1 
ATOM 37  C "C4'"  . DC A 1 2  ? -0.430  -10.244 -9.450  1.00 0.00 ? 2  DC A "C4'"  1 
ATOM 38  O "O4'"  . DC A 1 2  ? -0.388  -9.056  -10.214 1.00 0.00 ? 2  DC A "O4'"  1 
ATOM 39  C "C3'"  . DC A 1 2  ? 0.134   -9.908  -8.061  1.00 0.00 ? 2  DC A "C3'"  1 
ATOM 40  O "O3'"  . DC A 1 2  ? 1.095   -10.893 -7.718  1.00 0.00 ? 2  DC A "O3'"  1 
ATOM 41  C "C2'"  . DC A 1 2  ? 0.721   -8.504  -8.255  1.00 0.00 ? 2  DC A "C2'"  1 
ATOM 42  C "C1'"  . DC A 1 2  ? 0.736   -8.329  -9.772  1.00 0.00 ? 2  DC A "C1'"  1 
ATOM 43  N N1     . DC A 1 2  ? 0.619   -6.905  -10.188 1.00 0.00 ? 2  DC A N1     1 
ATOM 44  C C2     . DC A 1 2  ? 1.691   -6.298  -10.843 1.00 0.00 ? 2  DC A C2     1 
ATOM 45  O O2     . DC A 1 2  ? 2.774   -6.868  -10.952 1.00 0.00 ? 2  DC A O2     1 
ATOM 46  N N3     . DC A 1 2  ? 1.513   -5.052  -11.371 1.00 0.00 ? 2  DC A N3     1 
ATOM 47  C C4     . DC A 1 2  ? 0.352   -4.397  -11.223 1.00 0.00 ? 2  DC A C4     1 
ATOM 48  N N4     . DC A 1 2  ? 0.211   -3.192  -11.784 1.00 0.00 ? 2  DC A N4     1 
ATOM 49  C C5     . DC A 1 2  ? -0.745  -4.978  -10.503 1.00 0.00 ? 2  DC A C5     1 
ATOM 50  C C6     . DC A 1 2  ? -0.562  -6.226  -10.010 1.00 0.00 ? 2  DC A C6     1 
ATOM 51  H "H5'"  . DC A 1 2  ? -2.143  -11.056 -10.442 1.00 0.00 ? 2  DC A "H5'"  1 
ATOM 52  H "H5''" . DC A 1 2  ? -1.872  -11.709 -8.812  1.00 0.00 ? 2  DC A "H5''" 1 
ATOM 53  H "H4'"  . DC A 1 2  ? 0.224   -10.970 -9.936  1.00 0.00 ? 2  DC A "H4'"  1 
ATOM 54  H "H3'"  . DC A 1 2  ? -0.658  -9.877  -7.313  1.00 0.00 ? 2  DC A "H3'"  1 
ATOM 55  H "H2'"  . DC A 1 2  ? 0.049   -7.781  -7.791  1.00 0.00 ? 2  DC A "H2'"  1 
ATOM 56  H "H2''" . DC A 1 2  ? 1.720   -8.386  -7.843  1.00 0.00 ? 2  DC A "H2''" 1 
ATOM 57  H "H1'"  . DC A 1 2  ? 1.623   -8.822  -10.171 1.00 0.00 ? 2  DC A "H1'"  1 
ATOM 58  H H41    . DC A 1 2  ? 0.973   -2.783  -12.308 1.00 0.00 ? 2  DC A H41    1 
ATOM 59  H H42    . DC A 1 2  ? -0.663  -2.695  -11.702 1.00 0.00 ? 2  DC A H42    1 
ATOM 60  H H5     . DC A 1 2  ? -1.690  -4.478  -10.352 1.00 0.00 ? 2  DC A H5     1 
ATOM 61  H H6     . DC A 1 2  ? -1.369  -6.699  -9.472  1.00 0.00 ? 2  DC A H6     1 
ATOM 62  P P      . DA A 1 3  ? 1.896   -10.889 -6.313  1.00 0.00 ? 3  DA A P      1 
ATOM 63  O OP1    . DA A 1 3  ? 2.314   -12.278 -6.019  1.00 0.00 ? 3  DA A OP1    1 
ATOM 64  O OP2    . DA A 1 3  ? 1.104   -10.132 -5.319  1.00 0.00 ? 3  DA A OP2    1 
ATOM 65  O "O5'"  . DA A 1 3  ? 3.212   -10.033 -6.675  1.00 0.00 ? 3  DA A "O5'"  1 
ATOM 66  C "C5'"  . DA A 1 3  ? 4.182   -10.532 -7.576  1.00 0.00 ? 3  DA A "C5'"  1 
ATOM 67  C "C4'"  . DA A 1 3  ? 5.232   -9.459  -7.869  1.00 0.00 ? 3  DA A "C4'"  1 
ATOM 68  O "O4'"  . DA A 1 3  ? 4.629   -8.338  -8.490  1.00 0.00 ? 3  DA A "O4'"  1 
ATOM 69  C "C3'"  . DA A 1 3  ? 5.954   -8.964  -6.607  1.00 0.00 ? 3  DA A "C3'"  1 
ATOM 70  O "O3'"  . DA A 1 3  ? 7.335   -9.257  -6.746  1.00 0.00 ? 3  DA A "O3'"  1 
ATOM 71  C "C2'"  . DA A 1 3  ? 5.634   -7.467  -6.607  1.00 0.00 ? 3  DA A "C2'"  1 
ATOM 72  C "C1'"  . DA A 1 3  ? 5.341   -7.190  -8.077  1.00 0.00 ? 3  DA A "C1'"  1 
ATOM 73  N N9     . DA A 1 3  ? 4.503   -5.985  -8.280  1.00 0.00 ? 3  DA A N9     1 
ATOM 74  C C8     . DA A 1 3  ? 3.240   -5.739  -7.798  1.00 0.00 ? 3  DA A C8     1 
ATOM 75  N N7     . DA A 1 3  ? 2.691   -4.650  -8.255  1.00 0.00 ? 3  DA A N7     1 
ATOM 76  C C5     . DA A 1 3  ? 3.663   -4.124  -9.097  1.00 0.00 ? 3  DA A C5     1 
ATOM 77  C C6     . DA A 1 3  ? 3.698   -2.980  -9.918  1.00 0.00 ? 3  DA A C6     1 
ATOM 78  N N6     . DA A 1 3  ? 2.654   -2.154  -10.040 1.00 0.00 ? 3  DA A N6     1 
ATOM 79  N N1     . DA A 1 3  ? 4.822   -2.718  -10.611 1.00 0.00 ? 3  DA A N1     1 
ATOM 80  C C2     . DA A 1 3  ? 5.850   -3.558  -10.509 1.00 0.00 ? 3  DA A C2     1 
ATOM 81  N N3     . DA A 1 3  ? 5.932   -4.683  -9.799  1.00 0.00 ? 3  DA A N3     1 
ATOM 82  C C4     . DA A 1 3  ? 4.784   -4.916  -9.102  1.00 0.00 ? 3  DA A C4     1 
ATOM 83  H "H5'"  . DA A 1 3  ? 3.706   -10.819 -8.514  1.00 0.00 ? 3  DA A "H5'"  1 
ATOM 84  H "H5''" . DA A 1 3  ? 4.672   -11.405 -7.143  1.00 0.00 ? 3  DA A "H5''" 1 
ATOM 85  H "H4'"  . DA A 1 3  ? 5.961   -9.873  -8.567  1.00 0.00 ? 3  DA A "H4'"  1 
ATOM 86  H "H3'"  . DA A 1 3  ? 5.566   -9.438  -5.704  1.00 0.00 ? 3  DA A "H3'"  1 
ATOM 87  H "H2'"  . DA A 1 3  ? 4.735   -7.313  -6.009  1.00 0.00 ? 3  DA A "H2'"  1 
ATOM 88  H "H2''" . DA A 1 3  ? 6.439   -6.844  -6.223  1.00 0.00 ? 3  DA A "H2''" 1 
ATOM 89  H "H1'"  . DA A 1 3  ? 6.278   -7.124  -8.632  1.00 0.00 ? 3  DA A "H1'"  1 
ATOM 90  H H8     . DA A 1 3  ? 2.734   -6.397  -7.108  1.00 0.00 ? 3  DA A H8     1 
ATOM 91  H H61    . DA A 1 3  ? 2.705   -1.348  -10.648 1.00 0.00 ? 3  DA A H61    1 
ATOM 92  H H62    . DA A 1 3  ? 1.808   -2.348  -9.526  1.00 0.00 ? 3  DA A H62    1 
ATOM 93  H H2     . DA A 1 3  ? 6.726   -3.303  -11.087 1.00 0.00 ? 3  DA A H2     1 
ATOM 94  P P      . DT A 1 4  ? 8.432   -8.874  -5.624  1.00 0.00 ? 4  DT A P      1 
ATOM 95  O OP1    . DT A 1 4  ? 9.543   -9.848  -5.709  1.00 0.00 ? 4  DT A OP1    1 
ATOM 96  O OP2    . DT A 1 4  ? 7.741   -8.653  -4.334  1.00 0.00 ? 4  DT A OP2    1 
ATOM 97  O "O5'"  . DT A 1 4  ? 8.964   -7.453  -6.165  1.00 0.00 ? 4  DT A "O5'"  1 
ATOM 98  C "C5'"  . DT A 1 4  ? 9.688   -7.362  -7.379  1.00 0.00 ? 4  DT A "C5'"  1 
ATOM 99  C "C4'"  . DT A 1 4  ? 9.945   -5.897  -7.729  1.00 0.00 ? 4  DT A "C4'"  1 
ATOM 100 O "O4'"  . DT A 1 4  ? 8.717   -5.210  -7.889  1.00 0.00 ? 4  DT A "O4'"  1 
ATOM 101 C "C3'"  . DT A 1 4  ? 10.758  -5.158  -6.655  1.00 0.00 ? 4  DT A "C3'"  1 
ATOM 102 O "O3'"  . DT A 1 4  ? 11.996  -4.755  -7.223  1.00 0.00 ? 4  DT A "O3'"  1 
ATOM 103 C "C2'"  . DT A 1 4  ? 9.841   -3.987  -6.289  1.00 0.00 ? 4  DT A "C2'"  1 
ATOM 104 C "C1'"  . DT A 1 4  ? 8.945   -3.867  -7.519  1.00 0.00 ? 4  DT A "C1'"  1 
ATOM 105 N N1     . DT A 1 4  ? 7.652   -3.183  -7.241  1.00 0.00 ? 4  DT A N1     1 
ATOM 106 C C2     . DT A 1 4  ? 7.353   -1.996  -7.914  1.00 0.00 ? 4  DT A C2     1 
ATOM 107 O O2     . DT A 1 4  ? 8.151   -1.413  -8.643  1.00 0.00 ? 4  DT A O2     1 
ATOM 108 N N3     . DT A 1 4  ? 6.075   -1.487  -7.722  1.00 0.00 ? 4  DT A N3     1 
ATOM 109 C C4     . DT A 1 4  ? 5.087   -2.042  -6.920  1.00 0.00 ? 4  DT A C4     1 
ATOM 110 O O4     . DT A 1 4  ? 3.974   -1.528  -6.866  1.00 0.00 ? 4  DT A O4     1 
ATOM 111 C C5     . DT A 1 4  ? 5.500   -3.231  -6.200  1.00 0.00 ? 4  DT A C5     1 
ATOM 112 C C7     . DT A 1 4  ? 4.550   -3.882  -5.213  1.00 0.00 ? 4  DT A C7     1 
ATOM 113 C C6     . DT A 1 4  ? 6.739   -3.752  -6.382  1.00 0.00 ? 4  DT A C6     1 
ATOM 114 H "H5'"  . DT A 1 4  ? 9.115   -7.818  -8.188  1.00 0.00 ? 4  DT A "H5'"  1 
ATOM 115 H "H5''" . DT A 1 4  ? 10.641  -7.882  -7.281  1.00 0.00 ? 4  DT A "H5''" 1 
ATOM 116 H "H4'"  . DT A 1 4  ? 10.477  -5.855  -8.682  1.00 0.00 ? 4  DT A "H4'"  1 
ATOM 117 H "H3'"  . DT A 1 4  ? 10.931  -5.792  -5.785  1.00 0.00 ? 4  DT A "H3'"  1 
ATOM 118 H "H2'"  . DT A 1 4  ? 9.261   -4.268  -5.410  1.00 0.00 ? 4  DT A "H2'"  1 
ATOM 119 H "H2''" . DT A 1 4  ? 10.376  -3.063  -6.090  1.00 0.00 ? 4  DT A "H2''" 1 
ATOM 120 H "H1'"  . DT A 1 4  ? 9.513   -3.390  -8.320  1.00 0.00 ? 4  DT A "H1'"  1 
ATOM 121 H H3     . DT A 1 4  ? 5.850   -0.628  -8.209  1.00 0.00 ? 4  DT A H3     1 
ATOM 122 H H71    . DT A 1 4  ? 3.516   -3.701  -5.504  1.00 0.00 ? 4  DT A H71    1 
ATOM 123 H H72    . DT A 1 4  ? 4.717   -3.460  -4.221  1.00 0.00 ? 4  DT A H72    1 
ATOM 124 H H73    . DT A 1 4  ? 4.719   -4.958  -5.172  1.00 0.00 ? 4  DT A H73    1 
ATOM 125 H H6     . DT A 1 4  ? 7.018   -4.644  -5.843  1.00 0.00 ? 4  DT A H6     1 
ATOM 126 P P      . DC A 1 5  ? 13.191  -4.106  -6.348  1.00 0.00 ? 5  DC A P      1 
ATOM 127 O OP1    . DC A 1 5  ? 14.444  -4.225  -7.125  1.00 0.00 ? 5  DC A OP1    1 
ATOM 128 O OP2    . DC A 1 5  ? 13.124  -4.651  -4.975  1.00 0.00 ? 5  DC A OP2    1 
ATOM 129 O "O5'"  . DC A 1 5  ? 12.781  -2.549  -6.293  1.00 0.00 ? 5  DC A "O5'"  1 
ATOM 130 C "C5'"  . DC A 1 5  ? 12.882  -1.722  -7.435  1.00 0.00 ? 5  DC A "C5'"  1 
ATOM 131 C "C4'"  . DC A 1 5  ? 12.166  -0.392  -7.185  1.00 0.00 ? 5  DC A "C4'"  1 
ATOM 132 O "O4'"  . DC A 1 5  ? 10.785  -0.600  -6.965  1.00 0.00 ? 5  DC A "O4'"  1 
ATOM 133 C "C3'"  . DC A 1 5  ? 12.695  0.379   -5.969  1.00 0.00 ? 5  DC A "C3'"  1 
ATOM 134 O "O3'"  . DC A 1 5  ? 13.532  1.437   -6.414  1.00 0.00 ? 5  DC A "O3'"  1 
ATOM 135 C "C2'"  . DC A 1 5  ? 11.411  0.849   -5.274  1.00 0.00 ? 5  DC A "C2'"  1 
ATOM 136 C "C1'"  . DC A 1 5  ? 10.317  0.551   -6.300  1.00 0.00 ? 5  DC A "C1'"  1 
ATOM 137 N N1     . DC A 1 5  ? 8.988   0.300   -5.676  1.00 0.00 ? 5  DC A N1     1 
ATOM 138 C C2     . DC A 1 5  ? 7.922   1.158   -5.968  1.00 0.00 ? 5  DC A C2     1 
ATOM 139 O O2     . DC A 1 5  ? 8.074   2.162   -6.659  1.00 0.00 ? 5  DC A O2     1 
ATOM 140 N N3     . DC A 1 5  ? 6.695   0.868   -5.454  1.00 0.00 ? 5  DC A N3     1 
ATOM 141 C C4     . DC A 1 5  ? 6.506   -0.193  -4.656  1.00 0.00 ? 5  DC A C4     1 
ATOM 142 N N4     . DC A 1 5  ? 5.276   -0.437  -4.191  1.00 0.00 ? 5  DC A N4     1 
ATOM 143 C C5     . DC A 1 5  ? 7.589   -1.072  -4.320  1.00 0.00 ? 5  DC A C5     1 
ATOM 144 C C6     . DC A 1 5  ? 8.798   -0.786  -4.854  1.00 0.00 ? 5  DC A C6     1 
ATOM 145 H "H5'"  . DC A 1 5  ? 12.415  -2.209  -8.293  1.00 0.00 ? 5  DC A "H5'"  1 
ATOM 146 H "H5''" . DC A 1 5  ? 13.933  -1.534  -7.661  1.00 0.00 ? 5  DC A "H5''" 1 
ATOM 147 H "H4'"  . DC A 1 5  ? 12.266  0.231   -8.077  1.00 0.00 ? 5  DC A "H4'"  1 
ATOM 148 H "H3'"  . DC A 1 5  ? 13.249  -0.282  -5.302  1.00 0.00 ? 5  DC A "H3'"  1 
ATOM 149 H "H2'"  . DC A 1 5  ? 11.274  0.256   -4.370  1.00 0.00 ? 5  DC A "H2'"  1 
ATOM 150 H "H2''" . DC A 1 5  ? 11.413  1.904   -5.015  1.00 0.00 ? 5  DC A "H2''" 1 
ATOM 151 H "H1'"  . DC A 1 5  ? 10.299  1.365   -7.027  1.00 0.00 ? 5  DC A "H1'"  1 
ATOM 152 H H41    . DC A 1 5  ? 4.513   0.168   -4.465  1.00 0.00 ? 5  DC A H41    1 
ATOM 153 H H42    . DC A 1 5  ? 5.106   -1.218  -3.577  1.00 0.00 ? 5  DC A H42    1 
ATOM 154 H H5     . DC A 1 5  ? 7.478   -1.935  -3.679  1.00 0.00 ? 5  DC A H5     1 
ATOM 155 H H6     . DC A 1 5  ? 9.634   -1.428  -4.624  1.00 0.00 ? 5  DC A H6     1 
ATOM 156 P P      . DG A 1 6  ? 14.399  2.348   -5.399  1.00 0.00 ? 6  DG A P      1 
ATOM 157 O OP1    . DG A 1 6  ? 15.446  3.041   -6.181  1.00 0.00 ? 6  DG A OP1    1 
ATOM 158 O OP2    . DG A 1 6  ? 14.783  1.524   -4.230  1.00 0.00 ? 6  DG A OP2    1 
ATOM 159 O "O5'"  . DG A 1 6  ? 13.330  3.447   -4.908  1.00 0.00 ? 6  DG A "O5'"  1 
ATOM 160 C "C5'"  . DG A 1 6  ? 12.900  4.485   -5.767  1.00 0.00 ? 6  DG A "C5'"  1 
ATOM 161 C "C4'"  . DG A 1 6  ? 11.710  5.226   -5.149  1.00 0.00 ? 6  DG A "C4'"  1 
ATOM 162 O "O4'"  . DG A 1 6  ? 10.576  4.378   -5.068  1.00 0.00 ? 6  DG A "O4'"  1 
ATOM 163 C "C3'"  . DG A 1 6  ? 11.987  5.760   -3.733  1.00 0.00 ? 6  DG A "C3'"  1 
ATOM 164 O "O3'"  . DG A 1 6  ? 12.033  7.175   -3.786  1.00 0.00 ? 6  DG A "O3'"  1 
ATOM 165 C "C2'"  . DG A 1 6  ? 10.811  5.191   -2.930  1.00 0.00 ? 6  DG A "C2'"  1 
ATOM 166 C "C1'"  . DG A 1 6  ? 9.783   4.864   -4.009  1.00 0.00 ? 6  DG A "C1'"  1 
ATOM 167 N N9     . DG A 1 6  ? 8.810   3.847   -3.551  1.00 0.00 ? 6  DG A N9     1 
ATOM 168 C C8     . DG A 1 6  ? 9.065   2.617   -2.998  1.00 0.00 ? 6  DG A C8     1 
ATOM 169 N N7     . DG A 1 6  ? 8.004   1.969   -2.616  1.00 0.00 ? 6  DG A N7     1 
ATOM 170 C C5     . DG A 1 6  ? 6.958   2.816   -2.959  1.00 0.00 ? 6  DG A C5     1 
ATOM 171 C C6     . DG A 1 6  ? 5.554   2.649   -2.773  1.00 0.00 ? 6  DG A C6     1 
ATOM 172 O O6     . DG A 1 6  ? 4.974   1.734   -2.198  1.00 0.00 ? 6  DG A O6     1 
ATOM 173 N N1     . DG A 1 6  ? 4.814   3.699   -3.316  1.00 0.00 ? 6  DG A N1     1 
ATOM 174 C C2     . DG A 1 6  ? 5.372   4.827   -3.887  1.00 0.00 ? 6  DG A C2     1 
ATOM 175 N N2     . DG A 1 6  ? 4.522   5.773   -4.301  1.00 0.00 ? 6  DG A N2     1 
ATOM 176 N N3     . DG A 1 6  ? 6.698   5.006   -4.021  1.00 0.00 ? 6  DG A N3     1 
ATOM 177 C C4     . DG A 1 6  ? 7.436   3.962   -3.552  1.00 0.00 ? 6  DG A C4     1 
ATOM 178 H "H5'"  . DG A 1 6  ? 12.592  4.076   -6.729  1.00 0.00 ? 6  DG A "H5'"  1 
ATOM 179 H "H5''" . DG A 1 6  ? 13.718  5.190   -5.925  1.00 0.00 ? 6  DG A "H5''" 1 
ATOM 180 H "H4'"  . DG A 1 6  ? 11.446  6.058   -5.803  1.00 0.00 ? 6  DG A "H4'"  1 
ATOM 181 H "H3'"  . DG A 1 6  ? 12.927  5.384   -3.330  1.00 0.00 ? 6  DG A "H3'"  1 
ATOM 182 H "H2'"  . DG A 1 6  ? 11.157  4.275   -2.451  1.00 0.00 ? 6  DG A "H2'"  1 
ATOM 183 H "H2''" . DG A 1 6  ? 10.402  5.854   -2.172  1.00 0.00 ? 6  DG A "H2''" 1 
ATOM 184 H "H1'"  . DG A 1 6  ? 9.282   5.782   -4.324  1.00 0.00 ? 6  DG A "H1'"  1 
ATOM 185 H H8     . DG A 1 6  ? 10.062  2.221   -2.867  1.00 0.00 ? 6  DG A H8     1 
ATOM 186 H H1     . DG A 1 6  ? 3.806   3.636   -3.255  1.00 0.00 ? 6  DG A H1     1 
ATOM 187 H H21    . DG A 1 6  ? 3.522   5.648   -4.194  1.00 0.00 ? 6  DG A H21    1 
ATOM 188 H H22    . DG A 1 6  ? 4.880   6.614   -4.728  1.00 0.00 ? 6  DG A H22    1 
ATOM 189 P P      . DA A 1 7  ? 12.204  8.099   -2.470  1.00 0.00 ? 7  DA A P      1 
ATOM 190 O OP1    . DA A 1 7  ? 12.751  9.409   -2.892  1.00 0.00 ? 7  DA A OP1    1 
ATOM 191 O OP2    . DA A 1 7  ? 12.891  7.315   -1.420  1.00 0.00 ? 7  DA A OP2    1 
ATOM 192 O "O5'"  . DA A 1 7  ? 10.668  8.309   -2.032  1.00 0.00 ? 7  DA A "O5'"  1 
ATOM 193 C "C5'"  . DA A 1 7  ? 9.754   8.942   -2.904  1.00 0.00 ? 7  DA A "C5'"  1 
ATOM 194 C "C4'"  . DA A 1 7  ? 8.329   8.882   -2.363  1.00 0.00 ? 7  DA A "C4'"  1 
ATOM 195 O "O4'"  . DA A 1 7  ? 7.824   7.567   -2.234  1.00 0.00 ? 7  DA A "O4'"  1 
ATOM 196 C "C3'"  . DA A 1 7  ? 8.139   9.543   -0.993  1.00 0.00 ? 7  DA A "C3'"  1 
ATOM 197 O "O3'"  . DA A 1 7  ? 7.837   10.910  -1.219  1.00 0.00 ? 7  DA A "O3'"  1 
ATOM 198 C "C2'"  . DA A 1 7  ? 7.015   8.690   -0.380  1.00 0.00 ? 7  DA A "C2'"  1 
ATOM 199 C "C1'"  . DA A 1 7  ? 6.627   7.734   -1.504  1.00 0.00 ? 7  DA A "C1'"  1 
ATOM 200 N N9     . DA A 1 7  ? 6.067   6.467   -0.987  1.00 0.00 ? 7  DA A N9     1 
ATOM 201 C C8     . DA A 1 7  ? 6.726   5.362   -0.507  1.00 0.00 ? 7  DA A C8     1 
ATOM 202 N N7     . DA A 1 7  ? 5.938   4.383   -0.154  1.00 0.00 ? 7  DA A N7     1 
ATOM 203 C C5     . DA A 1 7  ? 4.662   4.872   -0.418  1.00 0.00 ? 7  DA A C5     1 
ATOM 204 C C6     . DA A 1 7  ? 3.370   4.309   -0.317  1.00 0.00 ? 7  DA A C6     1 
ATOM 205 N N6     . DA A 1 7  ? 3.152   3.049   0.078   1.00 0.00 ? 7  DA A N6     1 
ATOM 206 N N1     . DA A 1 7  ? 2.311   5.067   -0.661  1.00 0.00 ? 7  DA A N1     1 
ATOM 207 C C2     . DA A 1 7  ? 2.519   6.308   -1.099  1.00 0.00 ? 7  DA A C2     1 
ATOM 208 N N3     . DA A 1 7  ? 3.680   6.941   -1.264  1.00 0.00 ? 7  DA A N3     1 
ATOM 209 C C4     . DA A 1 7  ? 4.730   6.154   -0.904  1.00 0.00 ? 7  DA A C4     1 
ATOM 210 H "H5'"  . DA A 1 7  ? 9.764   8.454   -3.879  1.00 0.00 ? 7  DA A "H5'"  1 
ATOM 211 H "H5''" . DA A 1 7  ? 10.041  9.988   -3.032  1.00 0.00 ? 7  DA A "H5''" 1 
ATOM 212 H "H4'"  . DA A 1 7  ? 7.692   9.396   -3.086  1.00 0.00 ? 7  DA A "H4'"  1 
ATOM 213 H "H3'"  . DA A 1 7  ? 9.034   9.450   -0.378  1.00 0.00 ? 7  DA A "H3'"  1 
ATOM 214 H "H2'"  . DA A 1 7  ? 7.424   8.128   0.461   1.00 0.00 ? 7  DA A "H2'"  1 
ATOM 215 H "H2''" . DA A 1 7  ? 6.144   9.248   -0.051  1.00 0.00 ? 7  DA A "H2''" 1 
ATOM 216 H "H1'"  . DA A 1 7  ? 5.894   8.221   -2.150  1.00 0.00 ? 7  DA A "H1'"  1 
ATOM 217 H H8     . DA A 1 7  ? 7.802   5.304   -0.434  1.00 0.00 ? 7  DA A H8     1 
ATOM 218 H H61    . DA A 1 7  ? 2.213   2.684   0.104   1.00 0.00 ? 7  DA A H61    1 
ATOM 219 H H62    . DA A 1 7  ? 3.938   2.453   0.294   1.00 0.00 ? 7  DA A H62    1 
ATOM 220 H H2     . DA A 1 7  ? 1.636   6.869   -1.362  1.00 0.00 ? 7  DA A H2     1 
ATOM 221 P P      . DA A 1 8  ? 7.290   11.910  -0.077  1.00 0.00 ? 8  DA A P      1 
ATOM 222 O OP1    . DA A 1 8  ? 7.568   13.298  -0.508  1.00 0.00 ? 8  DA A OP1    1 
ATOM 223 O OP2    . DA A 1 8  ? 7.763   11.436  1.244   1.00 0.00 ? 8  DA A OP2    1 
ATOM 224 O "O5'"  . DA A 1 8  ? 5.701   11.666  -0.167  1.00 0.00 ? 8  DA A "O5'"  1 
ATOM 225 C "C5'"  . DA A 1 8  ? 5.039   11.603  -1.419  1.00 0.00 ? 8  DA A "C5'"  1 
ATOM 226 C "C4'"  . DA A 1 8  ? 3.544   11.348  -1.216  1.00 0.00 ? 8  DA A "C4'"  1 
ATOM 227 O "O4'"  . DA A 1 8  ? 3.360   10.184  -0.423  1.00 0.00 ? 8  DA A "O4'"  1 
ATOM 228 C "C3'"  . DA A 1 8  ? 2.871   12.523  -0.502  1.00 0.00 ? 8  DA A "C3'"  1 
ATOM 229 O "O3'"  . DA A 1 8  ? 1.623   12.766  -1.132  1.00 0.00 ? 8  DA A "O3'"  1 
ATOM 230 C "C2'"  . DA A 1 8  ? 2.715   11.981  0.916   1.00 0.00 ? 8  DA A "C2'"  1 
ATOM 231 C "C1'"  . DA A 1 8  ? 2.487   10.499  0.644   1.00 0.00 ? 8  DA A "C1'"  1 
ATOM 232 N N9     . DA A 1 8  ? 2.794   9.671   1.833   1.00 0.00 ? 8  DA A N9     1 
ATOM 233 C C8     . DA A 1 8  ? 4.024   9.329   2.339   1.00 0.00 ? 8  DA A C8     1 
ATOM 234 N N7     . DA A 1 8  ? 3.977   8.546   3.381   1.00 0.00 ? 8  DA A N7     1 
ATOM 235 C C5     . DA A 1 8  ? 2.617   8.363   3.591   1.00 0.00 ? 8  DA A C5     1 
ATOM 236 C C6     . DA A 1 8  ? 1.883   7.638   4.555   1.00 0.00 ? 8  DA A C6     1 
ATOM 237 N N6     . DA A 1 8  ? 2.467   6.925   5.526   1.00 0.00 ? 8  DA A N6     1 
ATOM 238 N N1     . DA A 1 8  ? 0.538   7.683   4.507   1.00 0.00 ? 8  DA A N1     1 
ATOM 239 C C2     . DA A 1 8  ? -0.050  8.406   3.555   1.00 0.00 ? 8  DA A C2     1 
ATOM 240 N N3     . DA A 1 8  ? 0.525   9.126   2.593   1.00 0.00 ? 8  DA A N3     1 
ATOM 241 C C4     . DA A 1 8  ? 1.882   9.062   2.664   1.00 0.00 ? 8  DA A C4     1 
ATOM 242 H "H5'"  . DA A 1 8  ? 5.437   10.782  -2.015  1.00 0.00 ? 8  DA A "H5'"  1 
ATOM 243 H "H5''" . DA A 1 8  ? 5.180   12.535  -1.968  1.00 0.00 ? 8  DA A "H5''" 1 
ATOM 244 H "H4'"  . DA A 1 8  ? 3.087   11.195  -2.195  1.00 0.00 ? 8  DA A "H4'"  1 
ATOM 245 H "H3'"  . DA A 1 8  ? 3.501   13.413  -0.521  1.00 0.00 ? 8  DA A "H3'"  1 
ATOM 246 H "H2'"  . DA A 1 8  ? 3.646   12.124  1.463   1.00 0.00 ? 8  DA A "H2'"  1 
ATOM 247 H "H2''" . DA A 1 8  ? 1.891   12.430  1.463   1.00 0.00 ? 8  DA A "H2''" 1 
ATOM 248 H "H1'"  . DA A 1 8  ? 1.459   10.344  0.313   1.00 0.00 ? 8  DA A "H1'"  1 
ATOM 249 H H8     . DA A 1 8  ? 4.954   9.676   1.914   1.00 0.00 ? 8  DA A H8     1 
ATOM 250 H H61    . DA A 1 8  ? 1.903   6.428   6.199   1.00 0.00 ? 8  DA A H61    1 
ATOM 251 H H62    . DA A 1 8  ? 3.476   6.904   5.586   1.00 0.00 ? 8  DA A H62    1 
ATOM 252 H H2     . DA A 1 8  ? -1.130  8.407   3.565   1.00 0.00 ? 8  DA A H2     1 
ATOM 253 P P      . DU A 1 9  ? 0.836   14.168  -0.976  1.00 0.00 ? 9  DU A P      1 
ATOM 254 O OP1    . DU A 1 9  ? -0.304  14.164  -1.919  1.00 0.00 ? 9  DU A OP1    1 
ATOM 255 O OP2    . DU A 1 9  ? 1.823   15.270  -1.028  1.00 0.00 ? 9  DU A OP2    1 
ATOM 256 O "O5'"  . DU A 1 9  ? 0.256   14.080  0.521   1.00 0.00 ? 9  DU A "O5'"  1 
ATOM 257 C "C5'"  . DU A 1 9  ? -0.971  13.440  0.805   1.00 0.00 ? 9  DU A "C5'"  1 
ATOM 258 C "C4'"  . DU A 1 9  ? -1.175  13.323  2.318   1.00 0.00 ? 9  DU A "C4'"  1 
ATOM 259 O "O4'"  . DU A 1 9  ? -0.278  12.393  2.886   1.00 0.00 ? 9  DU A "O4'"  1 
ATOM 260 C "C3'"  . DU A 1 9  ? -0.971  14.640  3.085   1.00 0.00 ? 9  DU A "C3'"  1 
ATOM 261 O "O3'"  . DU A 1 9  ? -2.238  15.184  3.419   1.00 0.00 ? 9  DU A "O3'"  1 
ATOM 262 C "C2'"  . DU A 1 9  ? -0.153  14.223  4.313   1.00 0.00 ? 9  DU A "C2'"  1 
ATOM 263 C "C1'"  . DU A 1 9  ? -0.247  12.696  4.262   1.00 0.00 ? 9  DU A "C1'"  1 
ATOM 264 N N1     . DU A 1 9  ? 0.846   11.956  4.951   1.00 0.00 ? 9  DU A N1     1 
ATOM 265 C C2     . DU A 1 9  ? 0.501   10.998  5.908   1.00 0.00 ? 9  DU A C2     1 
ATOM 266 O O2     . DU A 1 9  ? -0.659  10.760  6.244   1.00 0.00 ? 9  DU A O2     1 
ATOM 267 N N3     . DU A 1 9  ? 1.551   10.292  6.483   1.00 0.00 ? 9  DU A N3     1 
ATOM 268 C C4     . DU A 1 9  ? 2.896   10.439  6.174   1.00 0.00 ? 9  DU A C4     1 
ATOM 269 O O4     . DU A 1 9  ? 3.742   9.755   6.744   1.00 0.00 ? 9  DU A O4     1 
ATOM 270 C C5     . DU A 1 9  ? 3.164   11.425  5.147   1.00 0.00 ? 9  DU A C5     1 
ATOM 271 C C6     . DU A 1 9  ? 2.158   12.134  4.579   1.00 0.00 ? 9  DU A C6     1 
ATOM 272 H "H5'"  . DU A 1 9  ? -0.985  12.440  0.368   1.00 0.00 ? 9  DU A "H5'"  1 
ATOM 273 H "H5''" . DU A 1 9  ? -1.786  14.027  0.381   1.00 0.00 ? 9  DU A "H5''" 1 
ATOM 274 H "H4'"  . DU A 1 9  ? -2.186  12.954  2.499   1.00 0.00 ? 9  DU A "H4'"  1 
ATOM 275 H "H3'"  . DU A 1 9  ? -0.387  15.339  2.487   1.00 0.00 ? 9  DU A "H3'"  1 
ATOM 276 H "H2'"  . DU A 1 9  ? 0.875   14.559  4.180   1.00 0.00 ? 9  DU A "H2'"  1 
ATOM 277 H "H2''" . DU A 1 9  ? -0.559  14.622  5.243   1.00 0.00 ? 9  DU A "H2''" 1 
ATOM 278 H "H1'"  . DU A 1 9  ? -1.214  12.440  4.675   1.00 0.00 ? 9  DU A "H1'"  1 
ATOM 279 H H3     . DU A 1 9  ? 1.310   9.599   7.175   1.00 0.00 ? 9  DU A H3     1 
ATOM 280 H H5     . DU A 1 9  ? 4.182   11.590  4.826   1.00 0.00 ? 9  DU A H5     1 
ATOM 281 H H6     . DU A 1 9  ? 2.400   12.852  3.809   1.00 0.00 ? 9  DU A H6     1 
ATOM 282 P P      . DA A 1 10 ? -2.460  16.768  3.672   1.00 0.00 ? 10 DA A P      1 
ATOM 283 O OP1    . DA A 1 10 ? -3.751  17.145  3.055   1.00 0.00 ? 10 DA A OP1    1 
ATOM 284 O OP2    . DA A 1 10 ? -1.232  17.492  3.273   1.00 0.00 ? 10 DA A OP2    1 
ATOM 285 O "O5'"  . DA A 1 10 ? -2.592  16.911  5.277   1.00 0.00 ? 10 DA A "O5'"  1 
ATOM 286 C "C5'"  . DA A 1 10 ? -3.842  16.993  5.938   1.00 0.00 ? 10 DA A "C5'"  1 
ATOM 287 C "C4'"  . DA A 1 10 ? -4.410  15.634  6.360   1.00 0.00 ? 10 DA A "C4'"  1 
ATOM 288 O "O4'"  . DA A 1 10 ? -4.771  14.764  5.302   1.00 0.00 ? 10 DA A "O4'"  1 
ATOM 289 C "C3'"  . DA A 1 10 ? -3.485  14.840  7.296   1.00 0.00 ? 10 DA A "C3'"  1 
ATOM 290 O "O3'"  . DA A 1 10 ? -3.949  15.048  8.621   1.00 0.00 ? 10 DA A "O3'"  1 
ATOM 291 C "C2'"  . DA A 1 10 ? -3.632  13.411  6.755   1.00 0.00 ? 10 DA A "C2'"  1 
ATOM 292 C "C1'"  . DA A 1 10 ? -4.909  13.501  5.923   1.00 0.00 ? 10 DA A "C1'"  1 
ATOM 293 N N9     . DA A 1 10 ? -5.111  12.390  4.957   1.00 0.00 ? 10 DA A N9     1 
ATOM 294 C C8     . DA A 1 10 ? -4.196  11.542  4.378   1.00 0.00 ? 10 DA A C8     1 
ATOM 295 N N7     . DA A 1 10 ? -4.706  10.678  3.548   1.00 0.00 ? 10 DA A N7     1 
ATOM 296 C C5     . DA A 1 10 ? -6.065  10.949  3.590   1.00 0.00 ? 10 DA A C5     1 
ATOM 297 C C6     . DA A 1 10 ? -7.177  10.375  2.939   1.00 0.00 ? 10 DA A C6     1 
ATOM 298 N N6     . DA A 1 10 ? -7.067  9.374   2.057   1.00 0.00 ? 10 DA A N6     1 
ATOM 299 N N1     . DA A 1 10 ? -8.403  10.857  3.221   1.00 0.00 ? 10 DA A N1     1 
ATOM 300 C C2     . DA A 1 10 ? -8.517  11.854  4.097   1.00 0.00 ? 10 DA A C2     1 
ATOM 301 N N3     . DA A 1 10 ? -7.553  12.484  4.764   1.00 0.00 ? 10 DA A N3     1 
ATOM 302 C C4     . DA A 1 10 ? -6.327  11.977  4.462   1.00 0.00 ? 10 DA A C4     1 
ATOM 303 H "H5'"  . DA A 1 10 ? -4.579  17.543  5.351   1.00 0.00 ? 10 DA A "H5'"  1 
ATOM 304 H "H5''" . DA A 1 10 ? -3.674  17.559  6.854   1.00 0.00 ? 10 DA A "H5''" 1 
ATOM 305 H "H4'"  . DA A 1 10 ? -5.338  15.846  6.896   1.00 0.00 ? 10 DA A "H4'"  1 
ATOM 306 H "H3'"  . DA A 1 10 ? -2.446  15.160  7.209   1.00 0.00 ? 10 DA A "H3'"  1 
ATOM 307 H "H2'"  . DA A 1 10 ? -2.782  13.228  6.103   1.00 0.00 ? 10 DA A "H2'"  1 
ATOM 308 H "H2''" . DA A 1 10 ? -3.678  12.632  7.510   1.00 0.00 ? 10 DA A "H2''" 1 
ATOM 309 H "H1'"  . DA A 1 10 ? -5.764  13.531  6.602   1.00 0.00 ? 10 DA A "H1'"  1 
ATOM 310 H H8     . DA A 1 10 ? -3.142  11.568  4.584   1.00 0.00 ? 10 DA A H8     1 
ATOM 311 H H61    . DA A 1 10 ? -7.891  8.993   1.617   1.00 0.00 ? 10 DA A H61    1 
ATOM 312 H H62    . DA A 1 10 ? -6.154  8.991   1.851   1.00 0.00 ? 10 DA A H62    1 
ATOM 313 H H2     . DA A 1 10 ? -9.523  12.200  4.283   1.00 0.00 ? 10 DA A H2     1 
ATOM 314 P P      . DA A 1 11 ? -3.379  14.252  9.905   1.00 0.00 ? 11 DA A P      1 
ATOM 315 O OP1    . DA A 1 11 ? -3.705  15.035  11.117  1.00 0.00 ? 11 DA A OP1    1 
ATOM 316 O OP2    . DA A 1 11 ? -1.981  13.849  9.637   1.00 0.00 ? 11 DA A OP2    1 
ATOM 317 O "O5'"  . DA A 1 11 ? -4.308  12.937  9.890   1.00 0.00 ? 11 DA A "O5'"  1 
ATOM 318 C "C5'"  . DA A 1 11 ? -5.717  13.038  9.981   1.00 0.00 ? 11 DA A "C5'"  1 
ATOM 319 C "C4'"  . DA A 1 11 ? -6.364  11.737  9.508   1.00 0.00 ? 11 DA A "C4'"  1 
ATOM 320 O "O4'"  . DA A 1 11 ? -5.887  11.357  8.232   1.00 0.00 ? 11 DA A "O4'"  1 
ATOM 321 C "C3'"  . DA A 1 11 ? -6.090  10.542  10.420  1.00 0.00 ? 11 DA A "C3'"  1 
ATOM 322 O "O3'"  . DA A 1 11 ? -7.062  10.505  11.453  1.00 0.00 ? 11 DA A "O3'"  1 
ATOM 323 C "C2'"  . DA A 1 11 ? -6.153  9.372   9.435   1.00 0.00 ? 11 DA A "C2'"  1 
ATOM 324 C "C1'"  . DA A 1 11 ? -6.289  10.018  8.057   1.00 0.00 ? 11 DA A "C1'"  1 
ATOM 325 N N9     . DA A 1 11 ? -5.466  9.319   7.048   1.00 0.00 ? 11 DA A N9     1 
ATOM 326 C C8     . DA A 1 11 ? -4.099  9.276   6.929   1.00 0.00 ? 11 DA A C8     1 
ATOM 327 N N7     . DA A 1 11 ? -3.668  8.523   5.955   1.00 0.00 ? 11 DA A N7     1 
ATOM 328 C C5     . DA A 1 11 ? -4.835  8.031   5.379   1.00 0.00 ? 11 DA A C5     1 
ATOM 329 C C6     . DA A 1 11 ? -5.083  7.176   4.285   1.00 0.00 ? 11 DA A C6     1 
ATOM 330 N N6     . DA A 1 11 ? -4.106  6.628   3.552   1.00 0.00 ? 11 DA A N6     1 
ATOM 331 N N1     . DA A 1 11 ? -6.362  6.887   3.974   1.00 0.00 ? 11 DA A N1     1 
ATOM 332 C C2     . DA A 1 11 ? -7.340  7.413   4.707   1.00 0.00 ? 11 DA A C2     1 
ATOM 333 N N3     . DA A 1 11 ? -7.239  8.231   5.754   1.00 0.00 ? 11 DA A N3     1 
ATOM 334 C C4     . DA A 1 11 ? -5.938  8.507   6.043   1.00 0.00 ? 11 DA A C4     1 
ATOM 335 H "H5'"  . DA A 1 11 ? -6.082  13.837  9.334   1.00 0.00 ? 11 DA A "H5'"  1 
ATOM 336 H "H5''" . DA A 1 11 ? -6.013  13.253  11.008  1.00 0.00 ? 11 DA A "H5''" 1 
ATOM 337 H "H4'"  . DA A 1 11 ? -7.445  11.885  9.438   1.00 0.00 ? 11 DA A "H4'"  1 
ATOM 338 H "H3'"  . DA A 1 11 ? -5.083  10.608  10.837  1.00 0.00 ? 11 DA A "H3'"  1 
ATOM 339 H "H2'"  . DA A 1 11 ? -5.234  8.789   9.516   1.00 0.00 ? 11 DA A "H2'"  1 
ATOM 340 H "H2''" . DA A 1 11 ? -7.014  8.734   9.594   1.00 0.00 ? 11 DA A "H2''" 1 
ATOM 341 H "H1'"  . DA A 1 11 ? -7.340  10.019  7.766   1.00 0.00 ? 11 DA A "H1'"  1 
ATOM 342 H H8     . DA A 1 11 ? -3.435  9.815   7.589   1.00 0.00 ? 11 DA A H8     1 
ATOM 343 H H61    . DA A 1 11 ? -4.335  5.993   2.803   1.00 0.00 ? 11 DA A H61    1 
ATOM 344 H H62    . DA A 1 11 ? -3.142  6.814   3.788   1.00 0.00 ? 11 DA A H62    1 
ATOM 345 H H2     . DA A 1 11 ? -8.344  7.148   4.414   1.00 0.00 ? 11 DA A H2     1 
ATOM 346 P P      . DG A 1 12 ? -7.178  9.293   12.518  1.00 0.00 ? 12 DG A P      1 
ATOM 347 O OP1    . DG A 1 12 ? -7.924  9.785   13.696  1.00 0.00 ? 12 DG A OP1    1 
ATOM 348 O OP2    . DG A 1 12 ? -5.840  8.685   12.692  1.00 0.00 ? 12 DG A OP2    1 
ATOM 349 O "O5'"  . DG A 1 12 ? -8.117  8.235   11.741  1.00 0.00 ? 12 DG A "O5'"  1 
ATOM 350 C "C5'"  . DG A 1 12 ? -9.404  8.600   11.280  1.00 0.00 ? 12 DG A "C5'"  1 
ATOM 351 C "C4'"  . DG A 1 12 ? -9.982  7.529   10.350  1.00 0.00 ? 12 DG A "C4'"  1 
ATOM 352 O "O4'"  . DG A 1 12 ? -9.067  7.257   9.296   1.00 0.00 ? 12 DG A "O4'"  1 
ATOM 353 C "C3'"  . DG A 1 12 ? -10.284 6.208   11.065  1.00 0.00 ? 12 DG A "C3'"  1 
ATOM 354 O "O3'"  . DG A 1 12 ? -11.501 5.714   10.529  1.00 0.00 ? 12 DG A "O3'"  1 
ATOM 355 C "C2'"  . DG A 1 12 ? -9.064  5.368   10.700  1.00 0.00 ? 12 DG A "C2'"  1 
ATOM 356 C "C1'"  . DG A 1 12 ? -8.718  5.884   9.302   1.00 0.00 ? 12 DG A "C1'"  1 
ATOM 357 N N9     . DG A 1 12 ? -7.277  5.723   8.984   1.00 0.00 ? 12 DG A N9     1 
ATOM 358 C C8     . DG A 1 12 ? -6.192  6.091   9.744   1.00 0.00 ? 12 DG A C8     1 
ATOM 359 N N7     . DG A 1 12 ? -5.039  5.880   9.179   1.00 0.00 ? 12 DG A N7     1 
ATOM 360 C C5     . DG A 1 12 ? -5.369  5.320   7.953   1.00 0.00 ? 12 DG A C5     1 
ATOM 361 C C6     . DG A 1 12 ? -4.515  4.874   6.900   1.00 0.00 ? 12 DG A C6     1 
ATOM 362 O O6     . DG A 1 12 ? -3.289  4.937   6.846   1.00 0.00 ? 12 DG A O6     1 
ATOM 363 N N1     . DG A 1 12 ? -5.227  4.323   5.839   1.00 0.00 ? 12 DG A N1     1 
ATOM 364 C C2     . DG A 1 12 ? -6.606  4.242   5.783   1.00 0.00 ? 12 DG A C2     1 
ATOM 365 N N2     . DG A 1 12 ? -7.135  3.698   4.683   1.00 0.00 ? 12 DG A N2     1 
ATOM 366 N N3     . DG A 1 12 ? -7.413  4.684   6.764   1.00 0.00 ? 12 DG A N3     1 
ATOM 367 C C4     . DG A 1 12 ? -6.734  5.209   7.823   1.00 0.00 ? 12 DG A C4     1 
ATOM 368 H "H5'"  . DG A 1 12 ? -9.342  9.528   10.711  1.00 0.00 ? 12 DG A "H5'"  1 
ATOM 369 H "H5''" . DG A 1 12 ? -10.073 8.756   12.128  1.00 0.00 ? 12 DG A "H5''" 1 
ATOM 370 H "H4'"  . DG A 1 12 ? -10.902 7.932   9.925   1.00 0.00 ? 12 DG A "H4'"  1 
ATOM 371 H "H3'"  . DG A 1 12 ? -10.378 6.340   12.145  1.00 0.00 ? 12 DG A "H3'"  1 
ATOM 372 H "H2'"  . DG A 1 12 ? -8.273  5.596   11.412  1.00 0.00 ? 12 DG A "H2'"  1 
ATOM 373 H "H2''" . DG A 1 12 ? -9.255  4.297   10.708  1.00 0.00 ? 12 DG A "H2''" 1 
ATOM 374 H "H1'"  . DG A 1 12 ? -9.342  5.366   8.573   1.00 0.00 ? 12 DG A "H1'"  1 
ATOM 375 H H8     . DG A 1 12 ? -6.274  6.534   10.724  1.00 0.00 ? 12 DG A H8     1 
ATOM 376 H H1     . DG A 1 12 ? -4.678  3.995   5.052   1.00 0.00 ? 12 DG A H1     1 
ATOM 377 H H21    . DG A 1 12 ? -6.531  3.386   3.934   1.00 0.00 ? 12 DG A H21    1 
ATOM 378 H H22    . DG A 1 12 ? -8.137  3.617   4.595   1.00 0.00 ? 12 DG A H22    1 
ATOM 379 P P      . DC A 1 13 ? -12.173 4.323   10.992  1.00 0.00 ? 13 DC A P      1 
ATOM 380 O OP1    . DC A 1 13 ? -13.633 4.533   11.120  1.00 0.00 ? 13 DC A OP1    1 
ATOM 381 O OP2    . DC A 1 13 ? -11.407 3.766   12.130  1.00 0.00 ? 13 DC A OP2    1 
ATOM 382 O "O5'"  . DC A 1 13 ? -11.900 3.409   9.696   1.00 0.00 ? 13 DC A "O5'"  1 
ATOM 383 C "C5'"  . DC A 1 13 ? -12.522 3.701   8.456   1.00 0.00 ? 13 DC A "C5'"  1 
ATOM 384 C "C4'"  . DC A 1 13 ? -12.012 2.743   7.379   1.00 0.00 ? 13 DC A "C4'"  1 
ATOM 385 O "O4'"  . DC A 1 13 ? -10.610 2.880   7.267   1.00 0.00 ? 13 DC A "O4'"  1 
ATOM 386 C "C3'"  . DC A 1 13 ? -12.329 1.278   7.708   1.00 0.00 ? 13 DC A "C3'"  1 
ATOM 387 O "O3'"  . DC A 1 13 ? -13.199 0.753   6.718   1.00 0.00 ? 13 DC A "O3'"  1 
ATOM 388 C "C2'"  . DC A 1 13 ? -10.950 0.614   7.723   1.00 0.00 ? 13 DC A "C2'"  1 
ATOM 389 C "C1'"  . DC A 1 13 ? -10.052 1.612   6.995   1.00 0.00 ? 13 DC A "C1'"  1 
ATOM 390 N N1     . DC A 1 13 ? -8.652  1.581   7.504   1.00 0.00 ? 13 DC A N1     1 
ATOM 391 C C2     . DC A 1 13 ? -7.629  1.103   6.683   1.00 0.00 ? 13 DC A C2     1 
ATOM 392 O O2     . DC A 1 13 ? -7.878  0.579   5.599   1.00 0.00 ? 13 DC A O2     1 
ATOM 393 N N3     . DC A 1 13 ? -6.337  1.234   7.107   1.00 0.00 ? 13 DC A N3     1 
ATOM 394 C C4     . DC A 1 13 ? -6.052  1.771   8.304   1.00 0.00 ? 13 DC A C4     1 
ATOM 395 N N4     . DC A 1 13 ? -4.773  1.925   8.660   1.00 0.00 ? 13 DC A N4     1 
ATOM 396 C C5     . DC A 1 13 ? -7.090  2.203   9.193   1.00 0.00 ? 13 DC A C5     1 
ATOM 397 C C6     . DC A 1 13 ? -8.363  2.093   8.747   1.00 0.00 ? 13 DC A C6     1 
ATOM 398 H "H5'"  . DC A 1 13 ? -12.286 4.722   8.153   1.00 0.00 ? 13 DC A "H5'"  1 
ATOM 399 H "H5''" . DC A 1 13 ? -13.604 3.597   8.546   1.00 0.00 ? 13 DC A "H5''" 1 
ATOM 400 H "H4'"  . DC A 1 13 ? -12.460 3.010   6.420   1.00 0.00 ? 13 DC A "H4'"  1 
ATOM 401 H "H3'"  . DC A 1 13 ? -12.792 1.198   8.693   1.00 0.00 ? 13 DC A "H3'"  1 
ATOM 402 H "H2'"  . DC A 1 13 ? -10.636 0.503   8.761   1.00 0.00 ? 13 DC A "H2'"  1 
ATOM 403 H "H2''" . DC A 1 13 ? -10.941 -0.354  7.228   1.00 0.00 ? 13 DC A "H2''" 1 
ATOM 404 H "H1'"  . DC A 1 13 ? -10.128 1.443   5.920   1.00 0.00 ? 13 DC A "H1'"  1 
ATOM 405 H H41    . DC A 1 13 ? -4.033  1.656   8.027   1.00 0.00 ? 13 DC A H41    1 
ATOM 406 H H42    . DC A 1 13 ? -4.545  2.346   9.548   1.00 0.00 ? 13 DC A H42    1 
ATOM 407 H H5     . DC A 1 13 ? -6.902  2.622   10.171  1.00 0.00 ? 13 DC A H5     1 
ATOM 408 H H6     . DC A 1 13 ? -9.172  2.421   9.382   1.00 0.00 ? 13 DC A H6     1 
ATOM 409 P P      . DT A 1 14 ? -13.943 -0.676  6.878   1.00 0.00 ? 14 DT A P      1 
ATOM 410 O OP1    . DT A 1 14 ? -15.172 -0.648  6.056   1.00 0.00 ? 14 DT A OP1    1 
ATOM 411 O OP2    . DT A 1 14 ? -14.032 -1.006  8.318   1.00 0.00 ? 14 DT A OP2    1 
ATOM 412 O "O5'"  . DT A 1 14 ? -12.909 -1.705  6.196   1.00 0.00 ? 14 DT A "O5'"  1 
ATOM 413 C "C5'"  . DT A 1 14 ? -12.749 -1.766  4.791   1.00 0.00 ? 14 DT A "C5'"  1 
ATOM 414 C "C4'"  . DT A 1 14 ? -11.546 -2.649  4.451   1.00 0.00 ? 14 DT A "C4'"  1 
ATOM 415 O "O4'"  . DT A 1 14 ? -10.398 -2.124  5.087   1.00 0.00 ? 14 DT A "O4'"  1 
ATOM 416 C "C3'"  . DT A 1 14 ? -11.697 -4.104  4.919   1.00 0.00 ? 14 DT A "C3'"  1 
ATOM 417 O "O3'"  . DT A 1 14 ? -11.942 -4.943  3.800   1.00 0.00 ? 14 DT A "O3'"  1 
ATOM 418 C "C2'"  . DT A 1 14 ? -10.361 -4.394  5.608   1.00 0.00 ? 14 DT A "C2'"  1 
ATOM 419 C "C1'"  . DT A 1 14 ? -9.491  -3.187  5.261   1.00 0.00 ? 14 DT A "C1'"  1 
ATOM 420 N N1     . DT A 1 14 ? -8.526  -2.834  6.339   1.00 0.00 ? 14 DT A N1     1 
ATOM 421 C C2     . DT A 1 14 ? -7.162  -2.832  6.051   1.00 0.00 ? 14 DT A C2     1 
ATOM 422 O O2     . DT A 1 14 ? -6.693  -3.255  4.996   1.00 0.00 ? 14 DT A O2     1 
ATOM 423 N N3     . DT A 1 14 ? -6.328  -2.319  7.036   1.00 0.00 ? 14 DT A N3     1 
ATOM 424 C C4     . DT A 1 14 ? -6.730  -1.828  8.270   1.00 0.00 ? 14 DT A C4     1 
ATOM 425 O O4     . DT A 1 14 ? -5.908  -1.353  9.048   1.00 0.00 ? 14 DT A O4     1 
ATOM 426 C C5     . DT A 1 14 ? -8.153  -1.933  8.522   1.00 0.00 ? 14 DT A C5     1 
ATOM 427 C C7     . DT A 1 14 ? -8.698  -1.502  9.869   1.00 0.00 ? 14 DT A C7     1 
ATOM 428 C C6     . DT A 1 14 ? -8.988  -2.418  7.568   1.00 0.00 ? 14 DT A C6     1 
ATOM 429 H "H5'"  . DT A 1 14 ? -12.566 -0.765  4.398   1.00 0.00 ? 14 DT A "H5'"  1 
ATOM 430 H "H5''" . DT A 1 14 ? -13.647 -2.176  4.328   1.00 0.00 ? 14 DT A "H5''" 1 
ATOM 431 H "H4'"  . DT A 1 14 ? -11.375 -2.630  3.374   1.00 0.00 ? 14 DT A "H4'"  1 
ATOM 432 H "H3'"  . DT A 1 14 ? -12.511 -4.191  5.640   1.00 0.00 ? 14 DT A "H3'"  1 
ATOM 433 H "H2'"  . DT A 1 14 ? -10.536 -4.470  6.682   1.00 0.00 ? 14 DT A "H2'"  1 
ATOM 434 H "H2''" . DT A 1 14 ? -9.887  -5.303  5.248   1.00 0.00 ? 14 DT A "H2''" 1 
ATOM 435 H "H1'"  . DT A 1 14 ? -9.011  -3.374  4.300   1.00 0.00 ? 14 DT A "H1'"  1 
ATOM 436 H H3     . DT A 1 14 ? -5.339  -2.297  6.832   1.00 0.00 ? 14 DT A H3     1 
ATOM 437 H H71    . DT A 1 14 ? -8.283  -2.145  10.645  1.00 0.00 ? 14 DT A H71    1 
ATOM 438 H H72    . DT A 1 14 ? -9.786  -1.570  9.899   1.00 0.00 ? 14 DT A H72    1 
ATOM 439 H H73    . DT A 1 14 ? -8.401  -0.473  10.070  1.00 0.00 ? 14 DT A H73    1 
ATOM 440 H H6     . DT A 1 14 ? -10.048 -2.465  7.769   1.00 0.00 ? 14 DT A H6     1 
ATOM 441 P P      . DA A 1 15 ? -12.290 -6.519  3.948   1.00 0.00 ? 15 DA A P      1 
ATOM 442 O OP1    . DA A 1 15 ? -12.993 -6.949  2.719   1.00 0.00 ? 15 DA A OP1    1 
ATOM 443 O OP2    . DA A 1 15 ? -12.924 -6.740  5.268   1.00 0.00 ? 15 DA A OP2    1 
ATOM 444 O "O5'"  . DA A 1 15 ? -10.841 -7.227  3.968   1.00 0.00 ? 15 DA A "O5'"  1 
ATOM 445 C "C5'"  . DA A 1 15 ? -10.031 -7.280  2.809   1.00 0.00 ? 15 DA A "C5'"  1 
ATOM 446 C "C4'"  . DA A 1 15 ? -8.675  -7.918  3.131   1.00 0.00 ? 15 DA A "C4'"  1 
ATOM 447 O "O4'"  . DA A 1 15 ? -7.985  -7.107  4.070   1.00 0.00 ? 15 DA A "O4'"  1 
ATOM 448 C "C3'"  . DA A 1 15 ? -8.810  -9.325  3.732   1.00 0.00 ? 15 DA A "C3'"  1 
ATOM 449 O "O3'"  . DA A 1 15 ? -7.886  -10.187 3.085   1.00 0.00 ? 15 DA A "O3'"  1 
ATOM 450 C "C2'"  . DA A 1 15 ? -8.464  -9.078  5.198   1.00 0.00 ? 15 DA A "C2'"  1 
ATOM 451 C "C1'"  . DA A 1 15 ? -7.459  -7.937  5.083   1.00 0.00 ? 15 DA A "C1'"  1 
ATOM 452 N N9     . DA A 1 15 ? -7.317  -7.155  6.334   1.00 0.00 ? 15 DA A N9     1 
ATOM 453 C C8     . DA A 1 15 ? -8.307  -6.623  7.126   1.00 0.00 ? 15 DA A C8     1 
ATOM 454 N N7     . DA A 1 15 ? -7.878  -5.845  8.078   1.00 0.00 ? 15 DA A N7     1 
ATOM 455 C C5     . DA A 1 15 ? -6.498  -5.874  7.923   1.00 0.00 ? 15 DA A C5     1 
ATOM 456 C C6     . DA A 1 15 ? -5.447  -5.251  8.624   1.00 0.00 ? 15 DA A C6     1 
ATOM 457 N N6     . DA A 1 15 ? -5.667  -4.423  9.647   1.00 0.00 ? 15 DA A N6     1 
ATOM 458 N N1     . DA A 1 15 ? -4.180  -5.499  8.239   1.00 0.00 ? 15 DA A N1     1 
ATOM 459 C C2     . DA A 1 15 ? -3.969  -6.320  7.212   1.00 0.00 ? 15 DA A C2     1 
ATOM 460 N N3     . DA A 1 15 ? -4.869  -6.957  6.466   1.00 0.00 ? 15 DA A N3     1 
ATOM 461 C C4     . DA A 1 15 ? -6.140  -6.688  6.876   1.00 0.00 ? 15 DA A C4     1 
ATOM 462 H "H5'"  . DA A 1 15 ? -9.864  -6.272  2.428   1.00 0.00 ? 15 DA A "H5'"  1 
ATOM 463 H "H5''" . DA A 1 15 ? -10.527 -7.872  2.039   1.00 0.00 ? 15 DA A "H5''" 1 
ATOM 464 H "H4'"  . DA A 1 15 ? -8.091  -7.963  2.210   1.00 0.00 ? 15 DA A "H4'"  1 
ATOM 465 H "H3'"  . DA A 1 15 ? -9.822  -9.718  3.621   1.00 0.00 ? 15 DA A "H3'"  1 
ATOM 466 H "H2'"  . DA A 1 15 ? -9.366  -8.755  5.716   1.00 0.00 ? 15 DA A "H2'"  1 
ATOM 467 H "H2''" . DA A 1 15 ? -8.050  -9.951  5.694   1.00 0.00 ? 15 DA A "H2''" 1 
ATOM 468 H "H1'"  . DA A 1 15 ? -6.497  -8.338  4.758   1.00 0.00 ? 15 DA A "H1'"  1 
ATOM 469 H H8     . DA A 1 15 ? -9.357  -6.814  6.969   1.00 0.00 ? 15 DA A H8     1 
ATOM 470 H H61    . DA A 1 15 ? -4.897  -3.971  10.117  1.00 0.00 ? 15 DA A H61    1 
ATOM 471 H H62    . DA A 1 15 ? -6.614  -4.250  9.951   1.00 0.00 ? 15 DA A H62    1 
ATOM 472 H H2     . DA A 1 15 ? -2.935  -6.484  6.947   1.00 0.00 ? 15 DA A H2     1 
ATOM 473 P P      . DC A 1 16 ? -7.735  -11.753 3.460   1.00 0.00 ? 16 DC A P      1 
ATOM 474 O OP1    . DC A 1 16 ? -7.402  -12.497 2.224   1.00 0.00 ? 16 DC A OP1    1 
ATOM 475 O OP2    . DC A 1 16 ? -8.903  -12.163 4.270   1.00 0.00 ? 16 DC A OP2    1 
ATOM 476 O "O5'"  . DC A 1 16 ? -6.436  -11.750 4.415   1.00 0.00 ? 16 DC A "O5'"  1 
ATOM 477 C "C5'"  . DC A 1 16 ? -5.148  -11.478 3.895   1.00 0.00 ? 16 DC A "C5'"  1 
ATOM 478 C "C4'"  . DC A 1 16 ? -4.108  -11.443 5.019   1.00 0.00 ? 16 DC A "C4'"  1 
ATOM 479 O "O4'"  . DC A 1 16 ? -4.461  -10.424 5.943   1.00 0.00 ? 16 DC A "O4'"  1 
ATOM 480 C "C3'"  . DC A 1 16 ? -4.020  -12.773 5.788   1.00 0.00 ? 16 DC A "C3'"  1 
ATOM 481 O "O3'"  . DC A 1 16 ? -2.651  -13.089 6.014   1.00 0.00 ? 16 DC A "O3'"  1 
ATOM 482 C "C2'"  . DC A 1 16 ? -4.751  -12.418 7.078   1.00 0.00 ? 16 DC A "C2'"  1 
ATOM 483 C "C1'"  . DC A 1 16 ? -4.332  -10.957 7.244   1.00 0.00 ? 16 DC A "C1'"  1 
ATOM 484 N N1     . DC A 1 16 ? -5.145  -10.177 8.223   1.00 0.00 ? 16 DC A N1     1 
ATOM 485 C C2     . DC A 1 16 ? -4.488  -9.331  9.125   1.00 0.00 ? 16 DC A C2     1 
ATOM 486 O O2     . DC A 1 16 ? -3.262  -9.289  9.193   1.00 0.00 ? 16 DC A O2     1 
ATOM 487 N N3     . DC A 1 16 ? -5.238  -8.534  9.940   1.00 0.00 ? 16 DC A N3     1 
ATOM 488 C C4     . DC A 1 16 ? -6.577  -8.546  9.882   1.00 0.00 ? 16 DC A C4     1 
ATOM 489 N N4     . DC A 1 16 ? -7.262  -7.721  10.680  1.00 0.00 ? 16 DC A N4     1 
ATOM 490 C C5     . DC A 1 16 ? -7.274  -9.398  8.962   1.00 0.00 ? 16 DC A C5     1 
ATOM 491 C C6     . DC A 1 16 ? -6.519  -10.188 8.164   1.00 0.00 ? 16 DC A C6     1 
ATOM 492 H "H5'"  . DC A 1 16 ? -5.151  -10.508 3.393   1.00 0.00 ? 16 DC A "H5'"  1 
ATOM 493 H "H5''" . DC A 1 16 ? -4.869  -12.247 3.174   1.00 0.00 ? 16 DC A "H5''" 1 
ATOM 494 H "H4'"  . DC A 1 16 ? -3.138  -11.208 4.580   1.00 0.00 ? 16 DC A "H4'"  1 
ATOM 495 H "H3'"  . DC A 1 16 ? -4.517  -13.582 5.250   1.00 0.00 ? 16 DC A "H3'"  1 
ATOM 496 H "H2'"  . DC A 1 16 ? -5.819  -12.529 6.905   1.00 0.00 ? 16 DC A "H2'"  1 
ATOM 497 H "H2''" . DC A 1 16 ? -4.455  -13.028 7.921   1.00 0.00 ? 16 DC A "H2''" 1 
ATOM 498 H "H1'"  . DC A 1 16 ? -3.273  -10.955 7.499   1.00 0.00 ? 16 DC A "H1'"  1 
ATOM 499 H H41    . DC A 1 16 ? -6.762  -7.095  11.298  1.00 0.00 ? 16 DC A H41    1 
ATOM 500 H H42    . DC A 1 16 ? -8.269  -7.677  10.617  1.00 0.00 ? 16 DC A H42    1 
ATOM 501 H H5     . DC A 1 16 ? -8.351  -9.428  8.875   1.00 0.00 ? 16 DC A H5     1 
ATOM 502 H H6     . DC A 1 16 ? -7.022  -10.830 7.461   1.00 0.00 ? 16 DC A H6     1 
ATOM 503 P P      . DG A 1 17 ? -2.166  -14.484 6.679   1.00 0.00 ? 17 DG A P      1 
ATOM 504 O OP1    . DG A 1 17 ? -0.715  -14.631 6.433   1.00 0.00 ? 17 DG A OP1    1 
ATOM 505 O OP2    . DG A 1 17 ? -3.092  -15.557 6.249   1.00 0.00 ? 17 DG A OP2    1 
ATOM 506 O "O5'"  . DG A 1 17 ? -2.377  -14.254 8.262   1.00 0.00 ? 17 DG A "O5'"  1 
ATOM 507 C "C5'"  . DG A 1 17 ? -1.590  -13.333 8.992   1.00 0.00 ? 17 DG A "C5'"  1 
ATOM 508 C "C4'"  . DG A 1 17 ? -2.175  -13.138 10.395  1.00 0.00 ? 17 DG A "C4'"  1 
ATOM 509 O "O4'"  . DG A 1 17 ? -3.503  -12.646 10.280  1.00 0.00 ? 17 DG A "O4'"  1 
ATOM 510 C "C3'"  . DG A 1 17 ? -2.236  -14.449 11.191  1.00 0.00 ? 17 DG A "C3'"  1 
ATOM 511 O "O3'"  . DG A 1 17 ? -1.945  -14.206 12.552  1.00 0.00 ? 17 DG A "O3'"  1 
ATOM 512 C "C2'"  . DG A 1 17 ? -3.696  -14.857 11.049  1.00 0.00 ? 17 DG A "C2'"  1 
ATOM 513 C "C1'"  . DG A 1 17 ? -4.368  -13.484 11.022  1.00 0.00 ? 17 DG A "C1'"  1 
ATOM 514 N N9     . DG A 1 17 ? -5.731  -13.492 10.439  1.00 0.00 ? 17 DG A N9     1 
ATOM 515 C C8     . DG A 1 17 ? -6.259  -14.290 9.450   1.00 0.00 ? 17 DG A C8     1 
ATOM 516 N N7     . DG A 1 17 ? -7.496  -14.019 9.146   1.00 0.00 ? 17 DG A N7     1 
ATOM 517 C C5     . DG A 1 17 ? -7.827  -12.969 9.991   1.00 0.00 ? 17 DG A C5     1 
ATOM 518 C C6     . DG A 1 17 ? -9.055  -12.252 10.128  1.00 0.00 ? 17 DG A C6     1 
ATOM 519 O O6     . DG A 1 17 ? -10.101 -12.409 9.501   1.00 0.00 ? 17 DG A O6     1 
ATOM 520 N N1     . DG A 1 17 ? -8.992  -11.274 11.118  1.00 0.00 ? 17 DG A N1     1 
ATOM 521 C C2     . DG A 1 17 ? -7.869  -11.006 11.877  1.00 0.00 ? 17 DG A C2     1 
ATOM 522 N N2     . DG A 1 17 ? -7.972  -10.042 12.798  1.00 0.00 ? 17 DG A N2     1 
ATOM 523 N N3     . DG A 1 17 ? -6.709  -11.669 11.740  1.00 0.00 ? 17 DG A N3     1 
ATOM 524 C C4     . DG A 1 17 ? -6.754  -12.638 10.785  1.00 0.00 ? 17 DG A C4     1 
ATOM 525 H "H5'"  . DG A 1 17 ? -1.577  -12.367 8.484   1.00 0.00 ? 17 DG A "H5'"  1 
ATOM 526 H "H5''" . DG A 1 17 ? -0.566  -13.703 9.070   1.00 0.00 ? 17 DG A "H5''" 1 
ATOM 527 H "H4'"  . DG A 1 17 ? -1.561  -12.410 10.927  1.00 0.00 ? 17 DG A "H4'"  1 
ATOM 528 H "H3'"  . DG A 1 17 ? -1.559  -15.210 10.800  1.00 0.00 ? 17 DG A "H3'"  1 
ATOM 529 H "HO3'" . DG A 1 17 ? -2.011  -15.036 13.031  1.00 0.00 ? 17 DG A "HO3'" 1 
ATOM 530 H "H2'"  . DG A 1 17 ? -3.818  -15.385 10.104  1.00 0.00 ? 17 DG A "H2'"  1 
ATOM 531 H "H2''" . DG A 1 17 ? -4.045  -15.476 11.875  1.00 0.00 ? 17 DG A "H2''" 1 
ATOM 532 H "H1'"  . DG A 1 17 ? -4.408  -13.109 12.046  1.00 0.00 ? 17 DG A "H1'"  1 
ATOM 533 H H8     . DG A 1 17 ? -5.706  -15.071 8.949   1.00 0.00 ? 17 DG A H8     1 
ATOM 534 H H1     . DG A 1 17 ? -9.830  -10.733 11.272  1.00 0.00 ? 17 DG A H1     1 
ATOM 535 H H21    . DG A 1 17 ? -8.836  -9.535  12.914  1.00 0.00 ? 17 DG A H21    1 
ATOM 536 H H22    . DG A 1 17 ? -7.175  -9.832  13.378  1.00 0.00 ? 17 DG A H22    1 
ATOM 537 O "O5'"  . DC B 2 1  ? -6.164  -0.165  20.452  1.00 0.00 ? 18 DC B "O5'"  1 
ATOM 538 C "C5'"  . DC B 2 1  ? -6.634  -1.339  19.827  1.00 0.00 ? 18 DC B "C5'"  1 
ATOM 539 C "C4'"  . DC B 2 1  ? -5.516  -2.383  19.749  1.00 0.00 ? 18 DC B "C4'"  1 
ATOM 540 O "O4'"  . DC B 2 1  ? -6.018  -3.577  19.173  1.00 0.00 ? 18 DC B "O4'"  1 
ATOM 541 C "C3'"  . DC B 2 1  ? -4.334  -1.916  18.879  1.00 0.00 ? 18 DC B "C3'"  1 
ATOM 542 O "O3'"  . DC B 2 1  ? -3.145  -1.899  19.653  1.00 0.00 ? 18 DC B "O3'"  1 
ATOM 543 C "C2'"  . DC B 2 1  ? -4.283  -2.981  17.787  1.00 0.00 ? 18 DC B "C2'"  1 
ATOM 544 C "C1'"  . DC B 2 1  ? -4.958  -4.171  18.451  1.00 0.00 ? 18 DC B "C1'"  1 
ATOM 545 N N1     . DC B 2 1  ? -5.404  -5.152  17.424  1.00 0.00 ? 18 DC B N1     1 
ATOM 546 C C2     . DC B 2 1  ? -4.480  -6.099  16.975  1.00 0.00 ? 18 DC B C2     1 
ATOM 547 O O2     . DC B 2 1  ? -3.350  -6.159  17.453  1.00 0.00 ? 18 DC B O2     1 
ATOM 548 N N3     . DC B 2 1  ? -4.859  -6.967  15.992  1.00 0.00 ? 18 DC B N3     1 
ATOM 549 C C4     . DC B 2 1  ? -6.085  -6.912  15.457  1.00 0.00 ? 18 DC B C4     1 
ATOM 550 N N4     . DC B 2 1  ? -6.406  -7.797  14.508  1.00 0.00 ? 18 DC B N4     1 
ATOM 551 C C5     . DC B 2 1  ? -7.049  -5.940  15.892  1.00 0.00 ? 18 DC B C5     1 
ATOM 552 C C6     . DC B 2 1  ? -6.661  -5.086  16.868  1.00 0.00 ? 18 DC B C6     1 
ATOM 553 H "H5'"  . DC B 2 1  ? -6.987  -1.101  18.824  1.00 0.00 ? 18 DC B "H5'"  1 
ATOM 554 H "H5''" . DC B 2 1  ? -7.463  -1.739  20.412  1.00 0.00 ? 18 DC B "H5''" 1 
ATOM 555 H "H4'"  . DC B 2 1  ? -5.162  -2.607  20.757  1.00 0.00 ? 18 DC B "H4'"  1 
ATOM 556 H "H3'"  . DC B 2 1  ? -4.534  -0.935  18.445  1.00 0.00 ? 18 DC B "H3'"  1 
ATOM 557 H "H2'"  . DC B 2 1  ? -4.873  -2.648  16.933  1.00 0.00 ? 18 DC B "H2'"  1 
ATOM 558 H "H2''" . DC B 2 1  ? -3.275  -3.237  17.476  1.00 0.00 ? 18 DC B "H2''" 1 
ATOM 559 H "H1'"  . DC B 2 1  ? -4.276  -4.626  19.173  1.00 0.00 ? 18 DC B "H1'"  1 
ATOM 560 H H41    . DC B 2 1  ? -5.719  -8.471  14.206  1.00 0.00 ? 18 DC B H41    1 
ATOM 561 H H42    . DC B 2 1  ? -7.321  -7.769  14.081  1.00 0.00 ? 18 DC B H42    1 
ATOM 562 H H5     . DC B 2 1  ? -8.044  -5.862  15.479  1.00 0.00 ? 18 DC B H5     1 
ATOM 563 H H6     . DC B 2 1  ? -7.360  -4.334  17.204  1.00 0.00 ? 18 DC B H6     1 
ATOM 564 H "HO5'" . DC B 2 1  ? -6.868  0.488   20.447  1.00 0.00 ? 18 DC B "HO5'" 1 
ATOM 565 P P      . DG B 2 2  ? -1.787  -1.172  19.146  1.00 0.00 ? 19 DG B P      1 
ATOM 566 O OP1    . DG B 2 2  ? -0.887  -1.034  20.312  1.00 0.00 ? 19 DG B OP1    1 
ATOM 567 O OP2    . DG B 2 2  ? -2.166  0.032   18.374  1.00 0.00 ? 19 DG B OP2    1 
ATOM 568 O "O5'"  . DG B 2 2  ? -1.117  -2.226  18.121  1.00 0.00 ? 19 DG B "O5'"  1 
ATOM 569 C "C5'"  . DG B 2 2  ? -0.486  -3.408  18.580  1.00 0.00 ? 19 DG B "C5'"  1 
ATOM 570 C "C4'"  . DG B 2 2  ? 0.100   -4.200  17.405  1.00 0.00 ? 19 DG B "C4'"  1 
ATOM 571 O "O4'"  . DG B 2 2  ? -0.945  -4.692  16.584  1.00 0.00 ? 19 DG B "O4'"  1 
ATOM 572 C "C3'"  . DG B 2 2  ? 1.028   -3.354  16.522  1.00 0.00 ? 19 DG B "C3'"  1 
ATOM 573 O "O3'"  . DG B 2 2  ? 2.240   -4.067  16.338  1.00 0.00 ? 19 DG B "O3'"  1 
ATOM 574 C "C2'"  . DG B 2 2  ? 0.213   -3.207  15.236  1.00 0.00 ? 19 DG B "C2'"  1 
ATOM 575 C "C1'"  . DG B 2 2  ? -0.594  -4.501  15.228  1.00 0.00 ? 19 DG B "C1'"  1 
ATOM 576 N N9     . DG B 2 2  ? -1.844  -4.419  14.433  1.00 0.00 ? 19 DG B N9     1 
ATOM 577 C C8     . DG B 2 2  ? -2.917  -3.592  14.643  1.00 0.00 ? 19 DG B C8     1 
ATOM 578 N N7     . DG B 2 2  ? -3.993  -3.927  13.991  1.00 0.00 ? 19 DG B N7     1 
ATOM 579 C C5     . DG B 2 2  ? -3.596  -5.037  13.255  1.00 0.00 ? 19 DG B C5     1 
ATOM 580 C C6     . DG B 2 2  ? -4.354  -5.861  12.370  1.00 0.00 ? 19 DG B C6     1 
ATOM 581 O O6     . DG B 2 2  ? -5.562  -5.826  12.156  1.00 0.00 ? 19 DG B O6     1 
ATOM 582 N N1     . DG B 2 2  ? -3.565  -6.806  11.718  1.00 0.00 ? 19 DG B N1     1 
ATOM 583 C C2     . DG B 2 2  ? -2.216  -6.994  11.963  1.00 0.00 ? 19 DG B C2     1 
ATOM 584 N N2     . DG B 2 2  ? -1.595  -7.937  11.248  1.00 0.00 ? 19 DG B N2     1 
ATOM 585 N N3     . DG B 2 2  ? -1.523  -6.276  12.864  1.00 0.00 ? 19 DG B N3     1 
ATOM 586 C C4     . DG B 2 2  ? -2.265  -5.309  13.469  1.00 0.00 ? 19 DG B C4     1 
ATOM 587 H "H5'"  . DG B 2 2  ? -1.206  -4.031  19.112  1.00 0.00 ? 19 DG B "H5'"  1 
ATOM 588 H "H5''" . DG B 2 2  ? 0.328   -3.148  19.259  1.00 0.00 ? 19 DG B "H5''" 1 
ATOM 589 H "H4'"  . DG B 2 2  ? 0.647   -5.055  17.809  1.00 0.00 ? 19 DG B "H4'"  1 
ATOM 590 H "H3'"  . DG B 2 2  ? 1.232   -2.383  16.975  1.00 0.00 ? 19 DG B "H3'"  1 
ATOM 591 H "H2'"  . DG B 2 2  ? -0.451  -2.349  15.341  1.00 0.00 ? 19 DG B "H2'"  1 
ATOM 592 H "H2''" . DG B 2 2  ? 0.827   -3.095  14.344  1.00 0.00 ? 19 DG B "H2''" 1 
ATOM 593 H "H1'"  . DG B 2 2  ? 0.040   -5.325  14.899  1.00 0.00 ? 19 DG B "H1'"  1 
ATOM 594 H H8     . DG B 2 2  ? -2.887  -2.751  15.317  1.00 0.00 ? 19 DG B H8     1 
ATOM 595 H H1     . DG B 2 2  ? -4.029  -7.400  11.041  1.00 0.00 ? 19 DG B H1     1 
ATOM 596 H H21    . DG B 2 2  ? -2.102  -8.466  10.549  1.00 0.00 ? 19 DG B H21    1 
ATOM 597 H H22    . DG B 2 2  ? -0.607  -8.094  11.380  1.00 0.00 ? 19 DG B H22    1 
ATOM 598 P P      . DT B 2 3  ? 3.520   -3.432  15.583  1.00 0.00 ? 20 DT B P      1 
ATOM 599 O OP1    . DT B 2 3  ? 4.735   -4.111  16.086  1.00 0.00 ? 20 DT B OP1    1 
ATOM 600 O OP2    . DT B 2 3  ? 3.425   -1.956  15.646  1.00 0.00 ? 20 DT B OP2    1 
ATOM 601 O "O5'"  . DT B 2 3  ? 3.282   -3.888  14.058  1.00 0.00 ? 20 DT B "O5'"  1 
ATOM 602 C "C5'"  . DT B 2 3  ? 3.491   -5.227  13.653  1.00 0.00 ? 20 DT B "C5'"  1 
ATOM 603 C "C4'"  . DT B 2 3  ? 2.995   -5.424  12.221  1.00 0.00 ? 20 DT B "C4'"  1 
ATOM 604 O "O4'"  . DT B 2 3  ? 1.611   -5.145  12.141  1.00 0.00 ? 20 DT B "O4'"  1 
ATOM 605 C "C3'"  . DT B 2 3  ? 3.697   -4.521  11.193  1.00 0.00 ? 20 DT B "C3'"  1 
ATOM 606 O "O3'"  . DT B 2 3  ? 4.590   -5.310  10.423  1.00 0.00 ? 20 DT B "O3'"  1 
ATOM 607 C "C2'"  . DT B 2 3  ? 2.527   -3.940  10.389  1.00 0.00 ? 20 DT B "C2'"  1 
ATOM 608 C "C1'"  . DT B 2 3  ? 1.346   -4.818  10.796  1.00 0.00 ? 20 DT B "C1'"  1 
ATOM 609 N N1     . DT B 2 3  ? 0.033   -4.124  10.695  1.00 0.00 ? 20 DT B N1     1 
ATOM 610 C C2     . DT B 2 3  ? -0.951  -4.656  9.858   1.00 0.00 ? 20 DT B C2     1 
ATOM 611 O O2     . DT B 2 3  ? -0.750  -5.591  9.087   1.00 0.00 ? 20 DT B O2     1 
ATOM 612 N N3     . DT B 2 3  ? -2.207  -4.070  9.937   1.00 0.00 ? 20 DT B N3     1 
ATOM 613 C C4     . DT B 2 3  ? -2.554  -2.997  10.747  1.00 0.00 ? 20 DT B C4     1 
ATOM 614 O O4     . DT B 2 3  ? -3.711  -2.587  10.768  1.00 0.00 ? 20 DT B O4     1 
ATOM 615 C C5     . DT B 2 3  ? -1.458  -2.451  11.525  1.00 0.00 ? 20 DT B C5     1 
ATOM 616 C C7     . DT B 2 3  ? -1.688  -1.222  12.382  1.00 0.00 ? 20 DT B C7     1 
ATOM 617 C C6     . DT B 2 3  ? -0.230  -3.024  11.477  1.00 0.00 ? 20 DT B C6     1 
ATOM 618 H "H5'"  . DT B 2 3  ? 2.941   -5.904  14.310  1.00 0.00 ? 20 DT B "H5'"  1 
ATOM 619 H "H5''" . DT B 2 3  ? 4.554   -5.467  13.702  1.00 0.00 ? 20 DT B "H5''" 1 
ATOM 620 H "H4'"  . DT B 2 3  ? 3.138   -6.468  11.938  1.00 0.00 ? 20 DT B "H4'"  1 
ATOM 621 H "H3'"  . DT B 2 3  ? 4.241   -3.715  11.689  1.00 0.00 ? 20 DT B "H3'"  1 
ATOM 622 H "H2'"  . DT B 2 3  ? 2.379   -2.907  10.702  1.00 0.00 ? 20 DT B "H2'"  1 
ATOM 623 H "H2''" . DT B 2 3  ? 2.676   -3.972  9.315   1.00 0.00 ? 20 DT B "H2''" 1 
ATOM 624 H "H1'"  . DT B 2 3  ? 1.385   -5.740  10.216  1.00 0.00 ? 20 DT B "H1'"  1 
ATOM 625 H H3     . DT B 2 3  ? -2.929  -4.468  9.352   1.00 0.00 ? 20 DT B H3     1 
ATOM 626 H H71    . DT B 2 3  ? -2.678  -1.262  12.837  1.00 0.00 ? 20 DT B H71    1 
ATOM 627 H H72    . DT B 2 3  ? -1.622  -0.334  11.754  1.00 0.00 ? 20 DT B H72    1 
ATOM 628 H H73    . DT B 2 3  ? -0.941  -1.153  13.173  1.00 0.00 ? 20 DT B H73    1 
ATOM 629 H H6     . DT B 2 3  ? 0.564   -2.613  12.081  1.00 0.00 ? 20 DT B H6     1 
ATOM 630 P P      . DA B 2 4  ? 5.576   -4.677  9.307   1.00 0.00 ? 21 DA B P      1 
ATOM 631 O OP1    . DA B 2 4  ? 6.673   -5.641  9.064   1.00 0.00 ? 21 DA B OP1    1 
ATOM 632 O OP2    . DA B 2 4  ? 5.895   -3.283  9.690   1.00 0.00 ? 21 DA B OP2    1 
ATOM 633 O "O5'"  . DA B 2 4  ? 4.643   -4.639  7.995   1.00 0.00 ? 21 DA B "O5'"  1 
ATOM 634 C "C5'"  . DA B 2 4  ? 4.221   -5.832  7.361   1.00 0.00 ? 21 DA B "C5'"  1 
ATOM 635 C "C4'"  . DA B 2 4  ? 3.148   -5.522  6.316   1.00 0.00 ? 21 DA B "C4'"  1 
ATOM 636 O "O4'"  . DA B 2 4  ? 1.998   -4.977  6.943   1.00 0.00 ? 21 DA B "O4'"  1 
ATOM 637 C "C3'"  . DA B 2 4  ? 3.616   -4.518  5.249   1.00 0.00 ? 21 DA B "C3'"  1 
ATOM 638 O "O3'"  . DA B 2 4  ? 3.529   -5.145  3.979   1.00 0.00 ? 21 DA B "O3'"  1 
ATOM 639 C "C2'"  . DA B 2 4  ? 2.635   -3.357  5.429   1.00 0.00 ? 21 DA B "C2'"  1 
ATOM 640 C "C1'"  . DA B 2 4  ? 1.426   -4.055  6.043   1.00 0.00 ? 21 DA B "C1'"  1 
ATOM 641 N N9     . DA B 2 4  ? 0.530   -3.117  6.760   1.00 0.00 ? 21 DA B N9     1 
ATOM 642 C C8     . DA B 2 4  ? 0.844   -2.222  7.753   1.00 0.00 ? 21 DA B C8     1 
ATOM 643 N N7     . DA B 2 4  ? -0.177  -1.569  8.232   1.00 0.00 ? 21 DA B N7     1 
ATOM 644 C C5     . DA B 2 4  ? -1.249  -2.058  7.498   1.00 0.00 ? 21 DA B C5     1 
ATOM 645 C C6     . DA B 2 4  ? -2.629  -1.774  7.515   1.00 0.00 ? 21 DA B C6     1 
ATOM 646 N N6     . DA B 2 4  ? -3.167  -0.866  8.334   1.00 0.00 ? 21 DA B N6     1 
ATOM 647 N N1     . DA B 2 4  ? -3.431  -2.437  6.660   1.00 0.00 ? 21 DA B N1     1 
ATOM 648 C C2     . DA B 2 4  ? -2.895  -3.334  5.835   1.00 0.00 ? 21 DA B C2     1 
ATOM 649 N N3     . DA B 2 4  ? -1.618  -3.693  5.723   1.00 0.00 ? 21 DA B N3     1 
ATOM 650 C C4     . DA B 2 4  ? -0.831  -3.007  6.597   1.00 0.00 ? 21 DA B C4     1 
ATOM 651 H "H5'"  . DA B 2 4  ? 3.799   -6.519  8.097   1.00 0.00 ? 21 DA B "H5'"  1 
ATOM 652 H "H5''" . DA B 2 4  ? 5.073   -6.311  6.877   1.00 0.00 ? 21 DA B "H5''" 1 
ATOM 653 H "H4'"  . DA B 2 4  ? 2.855   -6.456  5.835   1.00 0.00 ? 21 DA B "H4'"  1 
ATOM 654 H "H3'"  . DA B 2 4  ? 4.640   -4.188  5.430   1.00 0.00 ? 21 DA B "H3'"  1 
ATOM 655 H "H2'"  . DA B 2 4  ? 3.068   -2.654  6.142   1.00 0.00 ? 21 DA B "H2'"  1 
ATOM 656 H "H2''" . DA B 2 4  ? 2.382   -2.834  4.510   1.00 0.00 ? 21 DA B "H2''" 1 
ATOM 657 H "H1'"  . DA B 2 4  ? 0.889   -4.598  5.264   1.00 0.00 ? 21 DA B "H1'"  1 
ATOM 658 H H8     . DA B 2 4  ? 1.849   -2.070  8.118   1.00 0.00 ? 21 DA B H8     1 
ATOM 659 H H61    . DA B 2 4  ? -4.169  -0.724  8.348   1.00 0.00 ? 21 DA B H61    1 
ATOM 660 H H62    . DA B 2 4  ? -2.571  -0.351  8.966   1.00 0.00 ? 21 DA B H62    1 
ATOM 661 H H2     . DA B 2 4  ? -3.586  -3.835  5.173   1.00 0.00 ? 21 DA B H2     1 
ATOM 662 P P      . DG B 2 5  ? 3.976   -4.409  2.611   1.00 0.00 ? 22 DG B P      1 
ATOM 663 O OP1    . DG B 2 5  ? 4.322   -5.450  1.621   1.00 0.00 ? 22 DG B OP1    1 
ATOM 664 O OP2    . DG B 2 5  ? 4.952   -3.346  2.939   1.00 0.00 ? 22 DG B OP2    1 
ATOM 665 O "O5'"  . DG B 2 5  ? 2.600   -3.709  2.148   1.00 0.00 ? 22 DG B "O5'"  1 
ATOM 666 C "C5'"  . DG B 2 5  ? 1.500   -4.483  1.712   1.00 0.00 ? 22 DG B "C5'"  1 
ATOM 667 C "C4'"  . DG B 2 5  ? 0.279   -3.587  1.504   1.00 0.00 ? 22 DG B "C4'"  1 
ATOM 668 O "O4'"  . DG B 2 5  ? -0.121  -3.000  2.733   1.00 0.00 ? 22 DG B "O4'"  1 
ATOM 669 C "C3'"  . DG B 2 5  ? 0.529   -2.444  0.506   1.00 0.00 ? 22 DG B "C3'"  1 
ATOM 670 O "O3'"  . DG B 2 5  ? -0.371  -2.584  -0.583  1.00 0.00 ? 22 DG B "O3'"  1 
ATOM 671 C "C2'"  . DG B 2 5  ? 0.255   -1.200  1.355   1.00 0.00 ? 22 DG B "C2'"  1 
ATOM 672 C "C1'"  . DG B 2 5  ? -0.698  -1.757  2.407   1.00 0.00 ? 22 DG B "C1'"  1 
ATOM 673 N N9     . DG B 2 5  ? -0.812  -0.875  3.591   1.00 0.00 ? 22 DG B N9     1 
ATOM 674 C C8     . DG B 2 5  ? 0.184   -0.365  4.386   1.00 0.00 ? 22 DG B C8     1 
ATOM 675 N N7     . DG B 2 5  ? -0.240  0.423   5.333   1.00 0.00 ? 22 DG B N7     1 
ATOM 676 C C5     . DG B 2 5  ? -1.619  0.429   5.170   1.00 0.00 ? 22 DG B C5     1 
ATOM 677 C C6     . DG B 2 5  ? -2.629  1.114   5.912   1.00 0.00 ? 22 DG B C6     1 
ATOM 678 O O6     . DG B 2 5  ? -2.481  1.881   6.859   1.00 0.00 ? 22 DG B O6     1 
ATOM 679 N N1     . DG B 2 5  ? -3.914  0.818   5.461   1.00 0.00 ? 22 DG B N1     1 
ATOM 680 C C2     . DG B 2 5  ? -4.194  -0.023  4.401   1.00 0.00 ? 22 DG B C2     1 
ATOM 681 N N2     . DG B 2 5  ? -5.480  -0.223  4.103   1.00 0.00 ? 22 DG B N2     1 
ATOM 682 N N3     . DG B 2 5  ? -3.244  -0.641  3.682   1.00 0.00 ? 22 DG B N3     1 
ATOM 683 C C4     . DG B 2 5  ? -1.982  -0.378  4.118   1.00 0.00 ? 22 DG B C4     1 
ATOM 684 H "H5'"  . DG B 2 5  ? 1.254   -5.241  2.457   1.00 0.00 ? 22 DG B "H5'"  1 
ATOM 685 H "H5''" . DG B 2 5  ? 1.748   -4.976  0.771   1.00 0.00 ? 22 DG B "H5''" 1 
ATOM 686 H "H4'"  . DG B 2 5  ? -0.545  -4.207  1.148   1.00 0.00 ? 22 DG B "H4'"  1 
ATOM 687 H "H3'"  . DG B 2 5  ? 1.556   -2.440  0.140   1.00 0.00 ? 22 DG B "H3'"  1 
ATOM 688 H "H2'"  . DG B 2 5  ? 1.191   -0.890  1.822   1.00 0.00 ? 22 DG B "H2'"  1 
ATOM 689 H "H2''" . DG B 2 5  ? -0.177  -0.366  0.807   1.00 0.00 ? 22 DG B "H2''" 1 
ATOM 690 H "H1'"  . DG B 2 5  ? -1.675  -1.924  1.950   1.00 0.00 ? 22 DG B "H1'"  1 
ATOM 691 H H8     . DG B 2 5  ? 1.230   -0.585  4.236   1.00 0.00 ? 22 DG B H8     1 
ATOM 692 H H1     . DG B 2 5  ? -4.690  1.230   5.967   1.00 0.00 ? 22 DG B H1     1 
ATOM 693 H H21    . DG B 2 5  ? -6.207  0.216   4.653   1.00 0.00 ? 22 DG B H21    1 
ATOM 694 H H22    . DG B 2 5  ? -5.726  -0.844  3.346   1.00 0.00 ? 22 DG B H22    1 
ATOM 695 P P      . DC B 2 6  ? -0.409  -1.552  -1.825  1.00 0.00 ? 23 DC B P      1 
ATOM 696 O OP1    . DC B 2 6  ? -0.919  -2.274  -3.011  1.00 0.00 ? 23 DC B OP1    1 
ATOM 697 O OP2    . DC B 2 6  ? 0.889   -0.844  -1.897  1.00 0.00 ? 23 DC B OP2    1 
ATOM 698 O "O5'"  . DC B 2 6  ? -1.536  -0.496  -1.356  1.00 0.00 ? 23 DC B "O5'"  1 
ATOM 699 C "C5'"  . DC B 2 6  ? -2.898  -0.869  -1.283  1.00 0.00 ? 23 DC B "C5'"  1 
ATOM 700 C "C4'"  . DC B 2 6  ? -3.742  0.273   -0.711  1.00 0.00 ? 23 DC B "C4'"  1 
ATOM 701 O "O4'"  . DC B 2 6  ? -3.330  0.574   0.612   1.00 0.00 ? 23 DC B "O4'"  1 
ATOM 702 C "C3'"  . DC B 2 6  ? -3.641  1.570   -1.532  1.00 0.00 ? 23 DC B "C3'"  1 
ATOM 703 O "O3'"  . DC B 2 6  ? -4.933  2.027   -1.896  1.00 0.00 ? 23 DC B "O3'"  1 
ATOM 704 C "C2'"  . DC B 2 6  ? -3.039  2.549   -0.527  1.00 0.00 ? 23 DC B "C2'"  1 
ATOM 705 C "C1'"  . DC B 2 6  ? -3.548  1.956   0.786   1.00 0.00 ? 23 DC B "C1'"  1 
ATOM 706 N N1     . DC B 2 6  ? -2.842  2.499   1.979   1.00 0.00 ? 23 DC B N1     1 
ATOM 707 C C2     . DC B 2 6  ? -3.585  3.157   2.965   1.00 0.00 ? 23 DC B C2     1 
ATOM 708 O O2     . DC B 2 6  ? -4.812  3.225   2.919   1.00 0.00 ? 23 DC B O2     1 
ATOM 709 N N3     . DC B 2 6  ? -2.919  3.737   4.001   1.00 0.00 ? 23 DC B N3     1 
ATOM 710 C C4     . DC B 2 6  ? -1.583  3.677   4.095   1.00 0.00 ? 23 DC B C4     1 
ATOM 711 N N4     . DC B 2 6  ? -0.990  4.269   5.136   1.00 0.00 ? 23 DC B N4     1 
ATOM 712 C C5     . DC B 2 6  ? -0.803  2.970   3.119   1.00 0.00 ? 23 DC B C5     1 
ATOM 713 C C6     . DC B 2 6  ? -1.476  2.398   2.093   1.00 0.00 ? 23 DC B C6     1 
ATOM 714 H "H5'"  . DC B 2 6  ? -3.010  -1.742  -0.638  1.00 0.00 ? 23 DC B "H5'"  1 
ATOM 715 H "H5''" . DC B 2 6  ? -3.267  -1.116  -2.280  1.00 0.00 ? 23 DC B "H5''" 1 
ATOM 716 H "H4'"  . DC B 2 6  ? -4.785  -0.052  -0.680  1.00 0.00 ? 23 DC B "H4'"  1 
ATOM 717 H "H3'"  . DC B 2 6  ? -2.988  1.450   -2.397  1.00 0.00 ? 23 DC B "H3'"  1 
ATOM 718 H "H2'"  . DC B 2 6  ? -1.953  2.499   -0.597  1.00 0.00 ? 23 DC B "H2'"  1 
ATOM 719 H "H2''" . DC B 2 6  ? -3.378  3.574   -0.676  1.00 0.00 ? 23 DC B "H2''" 1 
ATOM 720 H "H1'"  . DC B 2 6  ? -4.626  2.117   0.833   1.00 0.00 ? 23 DC B "H1'"  1 
ATOM 721 H H41    . DC B 2 6  ? -1.562  4.725   5.835   1.00 0.00 ? 23 DC B H41    1 
ATOM 722 H H42    . DC B 2 6  ? 0.012   4.235   5.239   1.00 0.00 ? 23 DC B H42    1 
ATOM 723 H H5     . DC B 2 6  ? 0.272   2.870   3.175   1.00 0.00 ? 23 DC B H5     1 
ATOM 724 H H6     . DC B 2 6  ? -0.918  1.858   1.341   1.00 0.00 ? 23 DC B H6     1 
ATOM 725 P P      . DC B 2 7  ? -5.301  2.425   -3.418  1.00 0.00 ? 24 DC B P      1 
ATOM 726 O OP1    . DC B 2 7  ? -6.710  2.876   -3.445  1.00 0.00 ? 24 DC B OP1    1 
ATOM 727 O OP2    . DC B 2 7  ? -4.873  1.315   -4.297  1.00 0.00 ? 24 DC B OP2    1 
ATOM 728 O "O5'"  . DC B 2 7  ? -4.355  3.698   -3.724  1.00 0.00 ? 24 DC B "O5'"  1 
ATOM 729 C "C5'"  . DC B 2 7  ? -4.619  4.977   -3.177  1.00 0.00 ? 24 DC B "C5'"  1 
ATOM 730 C "C4'"  . DC B 2 7  ? -3.519  5.965   -3.589  1.00 0.00 ? 24 DC B "C4'"  1 
ATOM 731 O "O4'"  . DC B 2 7  ? -2.265  5.507   -3.109  1.00 0.00 ? 24 DC B "O4'"  1 
ATOM 732 C "C3'"  . DC B 2 7  ? -3.426  6.124   -5.113  1.00 0.00 ? 24 DC B "C3'"  1 
ATOM 733 O "O3'"  . DC B 2 7  ? -3.373  7.505   -5.435  1.00 0.00 ? 24 DC B "O3'"  1 
ATOM 734 C "C2'"  . DC B 2 7  ? -2.129  5.388   -5.446  1.00 0.00 ? 24 DC B "C2'"  1 
ATOM 735 C "C1'"  . DC B 2 7  ? -1.314  5.529   -4.160  1.00 0.00 ? 24 DC B "C1'"  1 
ATOM 736 N N1     . DC B 2 7  ? -0.356  4.400   -3.969  1.00 0.00 ? 24 DC B N1     1 
ATOM 737 C C2     . DC B 2 7  ? 1.021   4.642   -3.916  1.00 0.00 ? 24 DC B C2     1 
ATOM 738 O O2     . DC B 2 7  ? 1.490   5.752   -4.162  1.00 0.00 ? 24 DC B O2     1 
ATOM 739 N N3     . DC B 2 7  ? 1.854   3.609   -3.583  1.00 0.00 ? 24 DC B N3     1 
ATOM 740 C C4     . DC B 2 7  ? 1.368   2.378   -3.345  1.00 0.00 ? 24 DC B C4     1 
ATOM 741 N N4     . DC B 2 7  ? 2.202   1.406   -2.966  1.00 0.00 ? 24 DC B N4     1 
ATOM 742 C C5     . DC B 2 7  ? -0.032  2.098   -3.453  1.00 0.00 ? 24 DC B C5     1 
ATOM 743 C C6     . DC B 2 7  ? -0.844  3.131   -3.762  1.00 0.00 ? 24 DC B C6     1 
ATOM 744 H "H5'"  . DC B 2 7  ? -4.657  4.919   -2.089  1.00 0.00 ? 24 DC B "H5'"  1 
ATOM 745 H "H5''" . DC B 2 7  ? -5.580  5.343   -3.541  1.00 0.00 ? 24 DC B "H5''" 1 
ATOM 746 H "H4'"  . DC B 2 7  ? -3.740  6.931   -3.131  1.00 0.00 ? 24 DC B "H4'"  1 
ATOM 747 H "H3'"  . DC B 2 7  ? -4.278  5.652   -5.601  1.00 0.00 ? 24 DC B "H3'"  1 
ATOM 748 H "H2'"  . DC B 2 7  ? -2.369  4.344   -5.648  1.00 0.00 ? 24 DC B "H2'"  1 
ATOM 749 H "H2''" . DC B 2 7  ? -1.607  5.812   -6.300  1.00 0.00 ? 24 DC B "H2''" 1 
ATOM 750 H "H1'"  . DC B 2 7  ? -0.833  6.507   -4.155  1.00 0.00 ? 24 DC B "H1'"  1 
ATOM 751 H H41    . DC B 2 7  ? 3.192   1.578   -2.890  1.00 0.00 ? 24 DC B H41    1 
ATOM 752 H H42    . DC B 2 7  ? 1.823   0.497   -2.713  1.00 0.00 ? 24 DC B H42    1 
ATOM 753 H H5     . DC B 2 7  ? -0.458  1.118   -3.305  1.00 0.00 ? 24 DC B H5     1 
ATOM 754 H H6     . DC B 2 7  ? -1.903  2.951   -3.835  1.00 0.00 ? 24 DC B H6     1 
ATOM 755 P P      . DG B 2 8  ? -3.601  8.054   -6.942  1.00 0.00 ? 25 DG B P      1 
ATOM 756 O OP1    . DG B 2 8  ? -3.912  9.498   -6.861  1.00 0.00 ? 25 DG B OP1    1 
ATOM 757 O OP2    . DG B 2 8  ? -4.538  7.145   -7.641  1.00 0.00 ? 25 DG B OP2    1 
ATOM 758 O "O5'"  . DG B 2 8  ? -2.148  7.891   -7.619  1.00 0.00 ? 25 DG B "O5'"  1 
ATOM 759 C "C5'"  . DG B 2 8  ? -1.123  8.837   -7.392  1.00 0.00 ? 25 DG B "C5'"  1 
ATOM 760 C "C4'"  . DG B 2 8  ? 0.213   8.306   -7.918  1.00 0.00 ? 25 DG B "C4'"  1 
ATOM 761 O "O4'"  . DG B 2 8  ? 0.595   7.144   -7.213  1.00 0.00 ? 25 DG B "O4'"  1 
ATOM 762 C "C3'"  . DG B 2 8  ? 0.208   7.935   -9.409  1.00 0.00 ? 25 DG B "C3'"  1 
ATOM 763 O "O3'"  . DG B 2 8  ? 0.829   8.970   -10.154 1.00 0.00 ? 25 DG B "O3'"  1 
ATOM 764 C "C2'"  . DG B 2 8  ? 0.978   6.608   -9.431  1.00 0.00 ? 25 DG B "C2'"  1 
ATOM 765 C "C1'"  . DG B 2 8  ? 1.546   6.492   -8.022  1.00 0.00 ? 25 DG B "C1'"  1 
ATOM 766 N N9     . DG B 2 8  ? 1.723   5.088   -7.588  1.00 0.00 ? 25 DG B N9     1 
ATOM 767 C C8     . DG B 2 8  ? 0.760   4.149   -7.318  1.00 0.00 ? 25 DG B C8     1 
ATOM 768 N N7     . DG B 2 8  ? 1.222   3.039   -6.814  1.00 0.00 ? 25 DG B N7     1 
ATOM 769 C C5     . DG B 2 8  ? 2.596   3.244   -6.766  1.00 0.00 ? 25 DG B C5     1 
ATOM 770 C C6     . DG B 2 8  ? 3.633   2.389   -6.289  1.00 0.00 ? 25 DG B C6     1 
ATOM 771 O O6     . DG B 2 8  ? 3.521   1.291   -5.754  1.00 0.00 ? 25 DG B O6     1 
ATOM 772 N N1     . DG B 2 8  ? 4.899   2.926   -6.502  1.00 0.00 ? 25 DG B N1     1 
ATOM 773 C C2     . DG B 2 8  ? 5.141   4.163   -7.070  1.00 0.00 ? 25 DG B C2     1 
ATOM 774 N N2     . DG B 2 8  ? 6.420   4.526   -7.215  1.00 0.00 ? 25 DG B N2     1 
ATOM 775 N N3     . DG B 2 8  ? 4.164   4.993   -7.465  1.00 0.00 ? 25 DG B N3     1 
ATOM 776 C C4     . DG B 2 8  ? 2.917   4.476   -7.287  1.00 0.00 ? 25 DG B C4     1 
ATOM 777 H "H5'"  . DG B 2 8  ? -1.022  9.029   -6.321  1.00 0.00 ? 25 DG B "H5'"  1 
ATOM 778 H "H5''" . DG B 2 8  ? -1.366  9.771   -7.902  1.00 0.00 ? 25 DG B "H5''" 1 
ATOM 779 H "H4'"  . DG B 2 8  ? 0.981   9.062   -7.742  1.00 0.00 ? 25 DG B "H4'"  1 
ATOM 780 H "H3'"  . DG B 2 8  ? -0.808  7.771   -9.769  1.00 0.00 ? 25 DG B "H3'"  1 
ATOM 781 H "H2'"  . DG B 2 8  ? 0.278   5.795   -9.629  1.00 0.00 ? 25 DG B "H2'"  1 
ATOM 782 H "H2''" . DG B 2 8  ? 1.785   6.592   -10.157 1.00 0.00 ? 25 DG B "H2''" 1 
ATOM 783 H "H1'"  . DG B 2 8  ? 2.488   7.041   -7.967  1.00 0.00 ? 25 DG B "H1'"  1 
ATOM 784 H H8     . DG B 2 8  ? -0.292  4.315   -7.488  1.00 0.00 ? 25 DG B H8     1 
ATOM 785 H H1     . DG B 2 8  ? 5.685   2.352   -6.217  1.00 0.00 ? 25 DG B H1     1 
ATOM 786 H H21    . DG B 2 8  ? 7.160   3.899   -6.928  1.00 0.00 ? 25 DG B H21    1 
ATOM 787 H H22    . DG B 2 8  ? 6.642   5.420   -7.625  1.00 0.00 ? 25 DG B H22    1 
ATOM 788 P P      . DA B 2 9  ? 1.003   8.909   -11.762 1.00 0.00 ? 26 DA B P      1 
ATOM 789 O OP1    . DA B 2 9  ? 1.107   10.295  -12.269 1.00 0.00 ? 26 DA B OP1    1 
ATOM 790 O OP2    . DA B 2 9  ? -0.027  8.001   -12.319 1.00 0.00 ? 26 DA B OP2    1 
ATOM 791 O "O5'"  . DA B 2 9  ? 2.442   8.203   -11.939 1.00 0.00 ? 26 DA B "O5'"  1 
ATOM 792 C "C5'"  . DA B 2 9  ? 3.629   8.841   -11.505 1.00 0.00 ? 26 DA B "C5'"  1 
ATOM 793 C "C4'"  . DA B 2 9  ? 4.828   7.903   -11.659 1.00 0.00 ? 26 DA B "C4'"  1 
ATOM 794 O "O4'"  . DA B 2 9  ? 4.649   6.758   -10.840 1.00 0.00 ? 26 DA B "O4'"  1 
ATOM 795 C "C3'"  . DA B 2 9  ? 5.025   7.424   -13.105 1.00 0.00 ? 26 DA B "C3'"  1 
ATOM 796 O "O3'"  . DA B 2 9  ? 6.383   7.629   -13.463 1.00 0.00 ? 26 DA B "O3'"  1 
ATOM 797 C "C2'"  . DA B 2 9  ? 4.643   5.947   -13.008 1.00 0.00 ? 26 DA B "C2'"  1 
ATOM 798 C "C1'"  . DA B 2 9  ? 5.050   5.620   -11.576 1.00 0.00 ? 26 DA B "C1'"  1 
ATOM 799 N N9     . DA B 2 9  ? 4.364   4.419   -11.048 1.00 0.00 ? 26 DA B N9     1 
ATOM 800 C C8     . DA B 2 9  ? 3.015   4.162   -10.997 1.00 0.00 ? 26 DA B C8     1 
ATOM 801 N N7     . DA B 2 9  ? 2.697   3.062   -10.379 1.00 0.00 ? 26 DA B N7     1 
ATOM 802 C C5     . DA B 2 9  ? 3.925   2.537   -10.001 1.00 0.00 ? 26 DA B C5     1 
ATOM 803 C C6     . DA B 2 9  ? 4.284   1.363   -9.313  1.00 0.00 ? 26 DA B C6     1 
ATOM 804 N N6     . DA B 2 9  ? 3.369   0.507   -8.849  1.00 0.00 ? 26 DA B N6     1 
ATOM 805 N N1     . DA B 2 9  ? 5.591   1.107   -9.113  1.00 0.00 ? 26 DA B N1     1 
ATOM 806 C C2     . DA B 2 9  ? 6.491   1.975   -9.569  1.00 0.00 ? 26 DA B C2     1 
ATOM 807 N N3     . DA B 2 9  ? 6.282   3.116   -10.226 1.00 0.00 ? 26 DA B N3     1 
ATOM 808 C C4     . DA B 2 9  ? 4.953   3.345   -10.416 1.00 0.00 ? 26 DA B C4     1 
ATOM 809 H "H5'"  . DA B 2 9  ? 3.538   9.120   -10.454 1.00 0.00 ? 26 DA B "H5'"  1 
ATOM 810 H "H5''" . DA B 2 9  ? 3.799   9.741   -12.097 1.00 0.00 ? 26 DA B "H5''" 1 
ATOM 811 H "H4'"  . DA B 2 9  ? 5.721   8.433   -11.322 1.00 0.00 ? 26 DA B "H4'"  1 
ATOM 812 H "H3'"  . DA B 2 9  ? 4.370   7.957   -13.797 1.00 0.00 ? 26 DA B "H3'"  1 
ATOM 813 H "H2'"  . DA B 2 9  ? 3.561   5.864   -13.128 1.00 0.00 ? 26 DA B "H2'"  1 
ATOM 814 H "H2''" . DA B 2 9  ? 5.140   5.310   -13.736 1.00 0.00 ? 26 DA B "H2''" 1 
ATOM 815 H "H1'"  . DA B 2 9  ? 6.134   5.516   -11.521 1.00 0.00 ? 26 DA B "H1'"  1 
ATOM 816 H H8     . DA B 2 9  ? 2.273   4.813   -11.434 1.00 0.00 ? 26 DA B H8     1 
ATOM 817 H H61    . DA B 2 9  ? 3.651   -0.311  -8.330  1.00 0.00 ? 26 DA B H61    1 
ATOM 818 H H62    . DA B 2 9  ? 2.390   0.707   -8.988  1.00 0.00 ? 26 DA B H62    1 
ATOM 819 H H2     . DA B 2 9  ? 7.525   1.721   -9.385  1.00 0.00 ? 26 DA B H2     1 
ATOM 820 P P      . DT B 2 10 ? 6.958   7.294   -14.936 1.00 0.00 ? 27 DT B P      1 
ATOM 821 O OP1    . DT B 2 10 ? 8.167   8.117   -15.157 1.00 0.00 ? 27 DT B OP1    1 
ATOM 822 O OP2    . DT B 2 10 ? 5.841   7.352   -15.906 1.00 0.00 ? 27 DT B OP2    1 
ATOM 823 O "O5'"  . DT B 2 10 ? 7.412   5.756   -14.779 1.00 0.00 ? 27 DT B "O5'"  1 
ATOM 824 C "C5'"  . DT B 2 10 ? 8.544   5.401   -14.009 1.00 0.00 ? 27 DT B "C5'"  1 
ATOM 825 C "C4'"  . DT B 2 10 ? 8.640   3.880   -13.889 1.00 0.00 ? 27 DT B "C4'"  1 
ATOM 826 O "O4'"  . DT B 2 10 ? 7.509   3.359   -13.219 1.00 0.00 ? 27 DT B "O4'"  1 
ATOM 827 C "C3'"  . DT B 2 10 ? 8.727   3.160   -15.245 1.00 0.00 ? 27 DT B "C3'"  1 
ATOM 828 O "O3'"  . DT B 2 10 ? 10.050  2.686   -15.452 1.00 0.00 ? 27 DT B "O3'"  1 
ATOM 829 C "C2'"  . DT B 2 10 ? 7.697   2.034   -15.097 1.00 0.00 ? 27 DT B "C2'"  1 
ATOM 830 C "C1'"  . DT B 2 10 ? 7.425   2.002   -13.595 1.00 0.00 ? 27 DT B "C1'"  1 
ATOM 831 N N1     . DT B 2 10 ? 6.090   1.435   -13.254 1.00 0.00 ? 27 DT B N1     1 
ATOM 832 C C2     . DT B 2 10 ? 6.028   0.263   -12.498 1.00 0.00 ? 27 DT B C2     1 
ATOM 833 O O2     . DT B 2 10 ? 7.020   -0.382  -12.164 1.00 0.00 ? 27 DT B O2     1 
ATOM 834 N N3     . DT B 2 10 ? 4.760   -0.161  -12.126 1.00 0.00 ? 27 DT B N3     1 
ATOM 835 C C4     . DT B 2 10 ? 3.563   0.459   -12.457 1.00 0.00 ? 27 DT B C4     1 
ATOM 836 O O4     . DT B 2 10 ? 2.501   0.021   -12.024 1.00 0.00 ? 27 DT B O4     1 
ATOM 837 C C5     . DT B 2 10 ? 3.710   1.631   -13.302 1.00 0.00 ? 27 DT B C5     1 
ATOM 838 C C7     . DT B 2 10 ? 2.475   2.354   -13.807 1.00 0.00 ? 27 DT B C7     1 
ATOM 839 C C6     . DT B 2 10 ? 4.942   2.074   -13.658 1.00 0.00 ? 27 DT B C6     1 
ATOM 840 H "H5'"  . DT B 2 10 ? 8.462   5.826   -13.008 1.00 0.00 ? 27 DT B "H5'"  1 
ATOM 841 H "H5''" . DT B 2 10 ? 9.448   5.783   -14.484 1.00 0.00 ? 27 DT B "H5''" 1 
ATOM 842 H "H4'"  . DT B 2 10 ? 9.520   3.629   -13.293 1.00 0.00 ? 27 DT B "H4'"  1 
ATOM 843 H "H3'"  . DT B 2 10 ? 8.428   3.828   -16.053 1.00 0.00 ? 27 DT B "H3'"  1 
ATOM 844 H "H2'"  . DT B 2 10 ? 6.801   2.313   -15.652 1.00 0.00 ? 27 DT B "H2'"  1 
ATOM 845 H "H2''" . DT B 2 10 ? 8.057   1.073   -15.448 1.00 0.00 ? 27 DT B "H2''" 1 
ATOM 846 H "H1'"  . DT B 2 10 ? 8.243   1.473   -13.107 1.00 0.00 ? 27 DT B "H1'"  1 
ATOM 847 H H3     . DT B 2 10 ? 4.710   -0.998  -11.559 1.00 0.00 ? 27 DT B H3     1 
ATOM 848 H H71    . DT B 2 10 ? 2.698   3.402   -14.010 1.00 0.00 ? 27 DT B H71    1 
ATOM 849 H H72    . DT B 2 10 ? 1.680   2.305   -13.062 1.00 0.00 ? 27 DT B H72    1 
ATOM 850 H H73    . DT B 2 10 ? 2.133   1.875   -14.724 1.00 0.00 ? 27 DT B H73    1 
ATOM 851 H H6     . DT B 2 10 ? 5.025   2.958   -14.272 1.00 0.00 ? 27 DT B H6     1 
ATOM 852 P P      . DG B 2 11 ? 10.569  2.161   -16.894 1.00 0.00 ? 28 DG B P      1 
ATOM 853 O OP1    . DG B 2 11 ? 12.045  2.070   -16.842 1.00 0.00 ? 28 DG B OP1    1 
ATOM 854 O OP2    . DG B 2 11 ? 9.926   2.975   -17.950 1.00 0.00 ? 28 DG B OP2    1 
ATOM 855 O "O5'"  . DG B 2 11 ? 9.976   0.665   -16.981 1.00 0.00 ? 28 DG B "O5'"  1 
ATOM 856 C "C5'"  . DG B 2 11 ? 10.639  -0.427  -16.376 1.00 0.00 ? 28 DG B "C5'"  1 
ATOM 857 C "C4'"  . DG B 2 11 ? 9.716   -1.648  -16.305 1.00 0.00 ? 28 DG B "C4'"  1 
ATOM 858 O "O4'"  . DG B 2 11 ? 8.606   -1.395  -15.467 1.00 0.00 ? 28 DG B "O4'"  1 
ATOM 859 C "C3'"  . DG B 2 11 ? 9.096   -2.066  -17.640 1.00 0.00 ? 28 DG B "C3'"  1 
ATOM 860 O "O3'"  . DG B 2 11 ? 9.977   -2.876  -18.403 1.00 0.00 ? 28 DG B "O3'"  1 
ATOM 861 C "C2'"  . DG B 2 11 ? 7.845   -2.812  -17.177 1.00 0.00 ? 28 DG B "C2'"  1 
ATOM 862 C "C1'"  . DG B 2 11 ? 7.695   -2.445  -15.700 1.00 0.00 ? 28 DG B "C1'"  1 
ATOM 863 N N9     . DG B 2 11 ? 6.304   -2.056  -15.377 1.00 0.00 ? 28 DG B N9     1 
ATOM 864 C C8     . DG B 2 11 ? 5.607   -0.945  -15.780 1.00 0.00 ? 28 DG B C8     1 
ATOM 865 N N7     . DG B 2 11 ? 4.371   -0.916  -15.372 1.00 0.00 ? 28 DG B N7     1 
ATOM 866 C C5     . DG B 2 11 ? 4.231   -2.089  -14.640 1.00 0.00 ? 28 DG B C5     1 
ATOM 867 C C6     . DG B 2 11 ? 3.095   -2.618  -13.954 1.00 0.00 ? 28 DG B C6     1 
ATOM 868 O O6     . DG B 2 11 ? 1.975   -2.127  -13.860 1.00 0.00 ? 28 DG B O6     1 
ATOM 869 N N1     . DG B 2 11 ? 3.360   -3.845  -13.349 1.00 0.00 ? 28 DG B N1     1 
ATOM 870 C C2     . DG B 2 11 ? 4.575   -4.499  -13.418 1.00 0.00 ? 28 DG B C2     1 
ATOM 871 N N2     . DG B 2 11 ? 4.670   -5.680  -12.802 1.00 0.00 ? 28 DG B N2     1 
ATOM 872 N N3     . DG B 2 11 ? 5.642   -4.008  -14.069 1.00 0.00 ? 28 DG B N3     1 
ATOM 873 C C4     . DG B 2 11 ? 5.408   -2.801  -14.648 1.00 0.00 ? 28 DG B C4     1 
ATOM 874 H "H5'"  . DG B 2 11 ? 10.940  -0.166  -15.360 1.00 0.00 ? 28 DG B "H5'"  1 
ATOM 875 H "H5''" . DG B 2 11 ? 11.528  -0.680  -16.957 1.00 0.00 ? 28 DG B "H5''" 1 
ATOM 876 H "H4'"  . DG B 2 11 ? 10.273  -2.490  -15.891 1.00 0.00 ? 28 DG B "H4'"  1 
ATOM 877 H "H3'"  . DG B 2 11 ? 8.794   -1.183  -18.203 1.00 0.00 ? 28 DG B "H3'"  1 
ATOM 878 H "H2'"  . DG B 2 11 ? 6.990   -2.497  -17.775 1.00 0.00 ? 28 DG B "H2'"  1 
ATOM 879 H "H2''" . DG B 2 11 ? 7.979   -3.888  -17.239 1.00 0.00 ? 28 DG B "H2''" 1 
ATOM 880 H "H1'"  . DG B 2 11 ? 8.005   -3.296  -15.091 1.00 0.00 ? 28 DG B "H1'"  1 
ATOM 881 H H8     . DG B 2 11 ? 6.041   -0.167  -16.391 1.00 0.00 ? 28 DG B H8     1 
ATOM 882 H H1     . DG B 2 11 ? 2.611   -4.271  -12.819 1.00 0.00 ? 28 DG B H1     1 
ATOM 883 H H21    . DG B 2 11 ? 3.880   -6.054  -12.295 1.00 0.00 ? 28 DG B H21    1 
ATOM 884 H H22    . DG B 2 11 ? 5.543   -6.186  -12.820 1.00 0.00 ? 28 DG B H22    1 
ATOM 885 P P      . DC B 2 12 ? 9.563   -3.469  -19.853 1.00 0.00 ? 29 DC B P      1 
ATOM 886 O OP1    . DC B 2 12 ? 10.793  -3.932  -20.533 1.00 0.00 ? 29 DC B OP1    1 
ATOM 887 O OP2    . DC B 2 12 ? 8.679   -2.490  -20.525 1.00 0.00 ? 29 DC B OP2    1 
ATOM 888 O "O5'"  . DC B 2 12 ? 8.674   -4.767  -19.489 1.00 0.00 ? 29 DC B "O5'"  1 
ATOM 889 C "C5'"  . DC B 2 12 ? 9.265   -5.956  -18.997 1.00 0.00 ? 29 DC B "C5'"  1 
ATOM 890 C "C4'"  . DC B 2 12 ? 8.187   -6.918  -18.484 1.00 0.00 ? 29 DC B "C4'"  1 
ATOM 891 O "O4'"  . DC B 2 12 ? 7.465   -6.339  -17.415 1.00 0.00 ? 29 DC B "O4'"  1 
ATOM 892 C "C3'"  . DC B 2 12 ? 7.136   -7.296  -19.526 1.00 0.00 ? 29 DC B "C3'"  1 
ATOM 893 O "O3'"  . DC B 2 12 ? 7.582   -8.328  -20.380 1.00 0.00 ? 29 DC B "O3'"  1 
ATOM 894 C "C2'"  . DC B 2 12 ? 6.003   -7.768  -18.622 1.00 0.00 ? 29 DC B "C2'"  1 
ATOM 895 C "C1'"  . DC B 2 12 ? 6.168   -6.910  -17.362 1.00 0.00 ? 29 DC B "C1'"  1 
ATOM 896 N N1     . DC B 2 12 ? 5.138   -5.831  -17.303 1.00 0.00 ? 29 DC B N1     1 
ATOM 897 C C2     . DC B 2 12 ? 4.058   -5.971  -16.427 1.00 0.00 ? 29 DC B C2     1 
ATOM 898 O O2     . DC B 2 12 ? 3.945   -6.953  -15.696 1.00 0.00 ? 29 DC B O2     1 
ATOM 899 N N3     . DC B 2 12 ? 3.110   -4.990  -16.396 1.00 0.00 ? 29 DC B N3     1 
ATOM 900 C C4     . DC B 2 12 ? 3.201   -3.909  -17.187 1.00 0.00 ? 29 DC B C4     1 
ATOM 901 N N4     . DC B 2 12 ? 2.250   -2.973  -17.112 1.00 0.00 ? 29 DC B N4     1 
ATOM 902 C C5     . DC B 2 12 ? 4.297   -3.746  -18.098 1.00 0.00 ? 29 DC B C5     1 
ATOM 903 C C6     . DC B 2 12 ? 5.229   -4.727  -18.120 1.00 0.00 ? 29 DC B C6     1 
ATOM 904 H "H5'"  . DC B 2 12 ? 9.941   -5.722  -18.173 1.00 0.00 ? 29 DC B "H5'"  1 
ATOM 905 H "H5''" . DC B 2 12 ? 9.831   -6.438  -19.794 1.00 0.00 ? 29 DC B "H5''" 1 
ATOM 906 H "H4'"  . DC B 2 12 ? 8.662   -7.828  -18.116 1.00 0.00 ? 29 DC B "H4'"  1 
ATOM 907 H "H3'"  . DC B 2 12 ? 6.817   -6.429  -20.105 1.00 0.00 ? 29 DC B "H3'"  1 
ATOM 908 H "HO3'" . DC B 2 12 ? 6.875   -8.542  -20.992 1.00 0.00 ? 29 DC B "HO3'" 1 
ATOM 909 H "H2'"  . DC B 2 12 ? 5.027   -7.649  -19.094 1.00 0.00 ? 29 DC B "H2'"  1 
ATOM 910 H "H2''" . DC B 2 12 ? 6.161   -8.814  -18.358 1.00 0.00 ? 29 DC B "H2''" 1 
ATOM 911 H "H1'"  . DC B 2 12 ? 6.133   -7.558  -16.487 1.00 0.00 ? 29 DC B "H1'"  1 
ATOM 912 H H41    . DC B 2 12 ? 1.490   -3.087  -16.454 1.00 0.00 ? 29 DC B H41    1 
ATOM 913 H H42    . DC B 2 12 ? 2.312   -2.139  -17.676 1.00 0.00 ? 29 DC B H42    1 
ATOM 914 H H5     . DC B 2 12 ? 4.406   -2.893  -18.751 1.00 0.00 ? 29 DC B H5     1 
ATOM 915 H H6     . DC B 2 12 ? 6.060   -4.633  -18.802 1.00 0.00 ? 29 DC B H6     1 
# 
